data_3DAX
#
_entry.id   3DAX
#
_cell.length_a   55.339
_cell.length_b   80.159
_cell.length_c   84.937
_cell.angle_alpha   64.360
_cell.angle_beta   75.230
_cell.angle_gamma   72.170
#
_symmetry.space_group_name_H-M   'P 1'
#
loop_
_entity.id
_entity.type
_entity.pdbx_description
1 polymer 'Cytochrome P450 7A1'
2 non-polymer 'PROTOPORPHYRIN IX CONTAINING FE'
3 non-polymer 'UNKNOWN ATOM OR ION'
4 water water
#
_entity_poly.entity_id   1
_entity_poly.type   'polypeptide(L)'
_entity_poly.pdbx_seq_one_letter_code
;MAKKTSSRRRQTGEPPLENGLIPYLGCALQFGANPLEFLRANQRKHGHVFTCKLMGKYVHFITNPLSYHKVLCHGKYFDW
KKFHFATSAKAFGHRSIDPMDGNTTENINDTFIKTLQGHALNSLTESMMENLQRIMRPPVSSNSKTAAWVTEGMYSFCYR
VMFEAGYLTIFGRDLTRRDTQKAHILNNLDNFKQFDKVFPALVAGLPIHMFRTAHNAREKLAESLRHENLQKRESISELI
SLRMFLNDTLSTFDDLEKAKTHLVVLWASQANTIPATFWSLFQMIRNPEAMKAATEEVKRTLENAGQKVSLEGNPICLSQ
AELNDLPVLDSIIKESLRLSSASLNIRTAKEDFTLHLEDGSYNIRKDDIIALYPQLMHLDPEIYPDPLTFKYDRYLDENG
KTKTTFYCNGLKLKYYYMPFGSGATICPGRLFAIHEIKQFLILMLSYFELELIEGQAKCPPLDQSRAGLGILPPLNDIEF
KYKFKHHHHHH
;
_entity_poly.pdbx_strand_id   A,B
#
loop_
_chem_comp.id
_chem_comp.type
_chem_comp.name
_chem_comp.formula
HEM non-polymer 'PROTOPORPHYRIN IX CONTAINING FE' 'C34 H32 Fe N4 O4'
UNX non-polymer 'UNKNOWN ATOM OR ION' ?
#
# COMPACT_ATOMS: atom_id res chain seq x y z
N SER A 7 20.19 -17.11 3.29
CA SER A 7 18.73 -17.38 3.12
C SER A 7 18.38 -18.66 3.88
N ARG A 8 17.14 -18.72 4.36
CA ARG A 8 16.67 -19.83 5.22
C ARG A 8 15.99 -20.91 4.41
N ARG A 9 16.23 -22.15 4.80
CA ARG A 9 15.72 -23.28 4.06
C ARG A 9 14.95 -24.16 5.02
N ARG A 10 13.86 -24.73 4.54
CA ARG A 10 13.04 -25.61 5.33
C ARG A 10 13.84 -26.88 5.68
N GLN A 11 14.06 -27.10 6.97
CA GLN A 11 14.73 -28.31 7.47
C GLN A 11 13.72 -29.43 7.80
N THR A 12 14.24 -30.58 8.25
CA THR A 12 13.39 -31.74 8.59
C THR A 12 12.47 -31.49 9.81
N GLY A 13 11.18 -31.80 9.64
CA GLY A 13 10.16 -31.58 10.69
C GLY A 13 9.57 -30.17 10.75
N GLU A 14 10.15 -29.25 9.98
CA GLU A 14 9.67 -27.87 9.97
C GLU A 14 8.46 -27.76 9.05
N PRO A 15 7.57 -26.78 9.32
CA PRO A 15 6.43 -26.58 8.43
C PRO A 15 6.79 -26.22 6.99
N PRO A 16 5.83 -26.36 6.06
CA PRO A 16 6.06 -25.81 4.75
C PRO A 16 6.43 -24.31 4.81
N LEU A 17 7.42 -23.91 4.01
CA LEU A 17 7.94 -22.56 4.04
C LEU A 17 7.54 -21.86 2.77
N GLU A 18 6.69 -20.85 2.89
CA GLU A 18 6.34 -20.00 1.76
C GLU A 18 7.45 -18.94 1.62
N ASN A 19 8.21 -19.01 0.53
CA ASN A 19 9.18 -17.96 0.21
C ASN A 19 8.40 -16.75 -0.34
N GLY A 20 9.01 -15.58 -0.21
CA GLY A 20 8.35 -14.33 -0.52
C GLY A 20 8.32 -13.48 0.71
N LEU A 21 8.63 -12.20 0.54
CA LEU A 21 8.68 -11.28 1.64
C LEU A 21 7.32 -10.63 1.77
N ILE A 22 6.74 -10.66 2.96
CA ILE A 22 5.51 -9.97 3.25
C ILE A 22 5.85 -8.93 4.30
N PRO A 23 6.03 -7.68 3.89
CA PRO A 23 6.39 -6.63 4.85
C PRO A 23 5.45 -6.52 6.03
N TYR A 24 4.15 -6.53 5.72
CA TYR A 24 3.10 -6.62 6.72
C TYR A 24 1.80 -7.03 6.00
N LEU A 25 0.86 -7.54 6.80
CA LEU A 25 -0.33 -8.23 6.23
C LEU A 25 -1.14 -7.36 5.34
N GLY A 26 -1.33 -6.09 5.71
CA GLY A 26 -2.09 -5.15 4.84
C GLY A 26 -1.32 -4.47 3.71
N CYS A 27 -0.09 -4.90 3.48
CA CYS A 27 0.74 -4.39 2.40
C CYS A 27 0.20 -4.75 0.99
N ALA A 28 0.32 -3.80 0.08
CA ALA A 28 0.02 -4.03 -1.30
C ALA A 28 -1.48 -4.18 -1.54
N LEU A 29 -2.29 -3.69 -0.60
CA LEU A 29 -3.72 -3.64 -0.77
C LEU A 29 -4.07 -2.92 -2.04
N GLN A 30 -3.37 -1.82 -2.30
CA GLN A 30 -3.53 -1.04 -3.54
C GLN A 30 -3.27 -1.83 -4.83
N PHE A 31 -2.53 -2.94 -4.74
CA PHE A 31 -2.30 -3.80 -5.90
C PHE A 31 -3.26 -5.00 -6.00
N GLY A 32 -4.22 -5.06 -5.10
CA GLY A 32 -5.19 -6.15 -5.04
C GLY A 32 -4.85 -7.24 -4.02
N ALA A 33 -3.90 -6.99 -3.11
CA ALA A 33 -3.65 -7.96 -2.02
C ALA A 33 -4.91 -8.14 -1.15
N ASN A 34 -5.05 -9.35 -0.60
CA ASN A 34 -6.16 -9.68 0.29
C ASN A 34 -5.63 -10.65 1.36
N PRO A 35 -5.25 -10.12 2.54
CA PRO A 35 -4.62 -10.91 3.57
C PRO A 35 -5.39 -12.19 4.04
N LEU A 36 -6.70 -12.07 4.26
CA LEU A 36 -7.52 -13.21 4.65
C LEU A 36 -7.43 -14.31 3.60
N GLU A 37 -7.70 -13.94 2.35
CA GLU A 37 -7.71 -14.89 1.26
C GLU A 37 -6.34 -15.42 0.99
N PHE A 38 -5.32 -14.63 1.30
CA PHE A 38 -3.95 -15.07 1.19
C PHE A 38 -3.66 -16.18 2.17
N LEU A 39 -4.10 -15.98 3.41
CA LEU A 39 -3.94 -16.97 4.47
C LEU A 39 -4.76 -18.27 4.17
N ARG A 40 -5.99 -18.10 3.70
CA ARG A 40 -6.80 -19.21 3.21
C ARG A 40 -6.07 -19.99 2.11
N ALA A 41 -5.57 -19.29 1.09
CA ALA A 41 -4.90 -19.93 -0.02
C ALA A 41 -3.69 -20.76 0.43
N ASN A 42 -2.98 -20.29 1.46
CA ASN A 42 -1.89 -21.09 2.04
C ASN A 42 -2.39 -22.32 2.81
N GLN A 43 -3.57 -22.21 3.38
CA GLN A 43 -4.20 -23.32 4.08
C GLN A 43 -4.49 -24.43 3.09
N ARG A 44 -4.96 -24.05 1.91
CA ARG A 44 -5.33 -25.00 0.89
C ARG A 44 -4.09 -25.63 0.30
N LYS A 45 -3.09 -24.80 0.01
CA LYS A 45 -1.79 -25.27 -0.51
C LYS A 45 -1.02 -26.13 0.46
N HIS A 46 -0.95 -25.72 1.72
CA HIS A 46 0.00 -26.31 2.67
C HIS A 46 -0.64 -27.03 3.85
N GLY A 47 -1.95 -26.91 3.99
CA GLY A 47 -2.59 -27.36 5.22
C GLY A 47 -2.51 -26.34 6.37
N HIS A 48 -2.75 -26.82 7.57
CA HIS A 48 -3.12 -25.96 8.66
C HIS A 48 -1.96 -25.27 9.38
N VAL A 49 -0.74 -25.67 9.05
CA VAL A 49 0.48 -25.06 9.60
C VAL A 49 1.46 -24.72 8.45
N PHE A 50 1.75 -23.43 8.29
CA PHE A 50 2.71 -22.97 7.28
C PHE A 50 3.47 -21.75 7.79
N THR A 51 4.58 -21.46 7.15
CA THR A 51 5.48 -20.42 7.62
C THR A 51 5.63 -19.37 6.53
N CYS A 52 5.44 -18.10 6.91
CA CYS A 52 5.67 -16.93 6.05
C CYS A 52 6.83 -16.07 6.57
N LYS A 53 7.54 -15.42 5.66
CA LYS A 53 8.55 -14.42 6.04
C LYS A 53 7.76 -13.11 6.18
N LEU A 54 7.31 -12.84 7.39
CA LEU A 54 6.36 -11.76 7.67
C LEU A 54 6.95 -10.79 8.68
N MET A 55 6.96 -9.49 8.34
CA MET A 55 7.51 -8.43 9.22
C MET A 55 8.96 -8.69 9.65
N GLY A 56 9.77 -9.12 8.70
CA GLY A 56 11.14 -9.50 8.96
C GLY A 56 11.31 -10.69 9.90
N LYS A 57 10.23 -11.44 10.16
CA LYS A 57 10.29 -12.59 11.01
C LYS A 57 9.93 -13.88 10.24
N TYR A 58 10.19 -15.03 10.84
CA TYR A 58 9.59 -16.27 10.35
C TYR A 58 8.40 -16.56 11.22
N VAL A 59 7.22 -16.48 10.60
CA VAL A 59 5.95 -16.57 11.30
C VAL A 59 5.17 -17.83 10.91
N HIS A 60 5.01 -18.74 11.88
CA HIS A 60 4.32 -20.02 11.70
C HIS A 60 2.90 -19.79 12.04
N PHE A 61 2.03 -19.86 11.04
CA PHE A 61 0.60 -19.73 11.24
C PHE A 61 -0.01 -21.10 11.60
N ILE A 62 -0.73 -21.12 12.73
CA ILE A 62 -1.54 -22.27 13.16
C ILE A 62 -3.03 -21.93 12.89
N THR A 63 -3.64 -22.61 11.95
CA THR A 63 -4.96 -22.22 11.43
C THR A 63 -6.08 -23.23 11.70
N ASN A 64 -5.76 -24.38 12.30
CA ASN A 64 -6.79 -25.37 12.72
C ASN A 64 -7.37 -24.94 14.05
N PRO A 65 -8.68 -24.56 14.06
CA PRO A 65 -9.30 -24.14 15.33
C PRO A 65 -9.07 -25.09 16.51
N LEU A 66 -8.98 -26.39 16.22
CA LEU A 66 -8.79 -27.43 17.23
C LEU A 66 -7.37 -27.49 17.77
N SER A 67 -6.44 -26.78 17.12
CA SER A 67 -5.06 -26.71 17.62
C SER A 67 -4.78 -25.39 18.36
N TYR A 68 -5.75 -24.47 18.38
CA TYR A 68 -5.57 -23.15 19.04
C TYR A 68 -5.15 -23.32 20.50
N HIS A 69 -5.81 -24.23 21.21
CA HIS A 69 -5.54 -24.43 22.66
C HIS A 69 -4.06 -24.80 22.94
N LYS A 70 -3.40 -25.49 22.02
CA LYS A 70 -1.95 -25.83 22.17
C LYS A 70 -1.00 -24.60 22.11
N VAL A 71 -1.51 -23.48 21.60
CA VAL A 71 -0.71 -22.24 21.45
C VAL A 71 -1.07 -21.23 22.53
N LEU A 72 -2.32 -21.26 22.99
CA LEU A 72 -2.86 -20.27 23.92
C LEU A 72 -2.60 -20.62 25.39
N CYS A 73 -2.19 -21.86 25.65
CA CYS A 73 -1.77 -22.25 26.99
C CYS A 73 -0.42 -21.61 27.33
N HIS A 74 -0.12 -21.50 28.63
CA HIS A 74 1.12 -20.90 29.07
C HIS A 74 2.27 -21.91 28.93
N GLY A 75 2.79 -22.03 27.70
CA GLY A 75 3.86 -22.97 27.38
C GLY A 75 5.23 -22.53 27.89
N LYS A 76 6.13 -23.50 28.03
CA LYS A 76 7.47 -23.27 28.59
C LYS A 76 8.40 -22.61 27.57
N TYR A 77 8.08 -22.76 26.28
CA TYR A 77 8.92 -22.22 25.19
C TYR A 77 8.31 -20.98 24.52
N PHE A 78 7.26 -20.43 25.13
CA PHE A 78 6.57 -19.28 24.60
C PHE A 78 6.98 -18.02 25.35
N ASP A 79 7.40 -17.01 24.60
CA ASP A 79 7.58 -15.66 25.13
C ASP A 79 6.41 -14.81 24.58
N TRP A 80 5.48 -14.41 25.44
CA TRP A 80 4.27 -13.68 24.98
C TRP A 80 4.39 -12.15 25.07
N LYS A 81 5.60 -11.67 25.37
CA LYS A 81 5.83 -10.25 25.61
C LYS A 81 6.92 -9.63 24.74
N LYS A 82 7.92 -10.41 24.33
CA LYS A 82 9.10 -9.89 23.61
C LYS A 82 8.70 -9.05 22.39
N PHE A 83 7.93 -9.65 21.51
CA PHE A 83 7.57 -9.04 20.26
C PHE A 83 6.74 -7.76 20.48
N HIS A 84 5.81 -7.82 21.43
CA HIS A 84 4.92 -6.69 21.80
CA HIS A 84 4.96 -6.64 21.67
C HIS A 84 5.73 -5.49 22.31
N PHE A 85 6.61 -5.77 23.28
CA PHE A 85 7.47 -4.73 23.86
C PHE A 85 8.28 -4.02 22.76
N ALA A 86 8.90 -4.83 21.89
CA ALA A 86 9.74 -4.32 20.82
C ALA A 86 8.94 -3.51 19.79
N THR A 87 7.74 -3.94 19.49
CA THR A 87 6.85 -3.25 18.57
C THR A 87 6.36 -1.92 19.13
N SER A 88 6.06 -1.88 20.42
CA SER A 88 5.62 -0.66 21.13
C SER A 88 6.72 0.42 21.09
N ALA A 89 7.95 0.00 21.39
CA ALA A 89 9.14 0.86 21.30
C ALA A 89 9.24 1.54 19.93
N LYS A 90 9.11 0.77 18.88
CA LYS A 90 9.21 1.26 17.50
C LYS A 90 8.12 2.23 17.12
N ALA A 91 6.87 1.86 17.43
CA ALA A 91 5.71 2.58 16.92
C ALA A 91 5.49 3.90 17.68
N PHE A 92 5.75 3.87 18.97
CA PHE A 92 5.53 5.06 19.82
C PHE A 92 6.82 5.85 20.10
N GLY A 93 7.99 5.21 20.00
CA GLY A 93 9.29 5.89 20.16
C GLY A 93 9.76 6.11 21.60
N HIS A 94 9.96 5.02 22.34
CA HIS A 94 10.50 5.05 23.71
C HIS A 94 11.44 3.90 23.91
N ARG A 95 12.26 3.96 24.97
CA ARG A 95 13.19 2.87 25.30
C ARG A 95 12.40 1.71 25.85
N SER A 96 13.02 0.55 25.95
CA SER A 96 12.31 -0.66 26.35
C SER A 96 11.75 -0.60 27.76
N ILE A 97 10.56 -1.18 27.90
CA ILE A 97 9.80 -1.20 29.15
C ILE A 97 9.73 -2.61 29.69
N ASP A 98 10.44 -3.51 29.03
CA ASP A 98 10.70 -4.82 29.56
C ASP A 98 11.58 -4.61 30.79
N PRO A 99 11.10 -5.03 31.99
CA PRO A 99 11.93 -4.86 33.19
C PRO A 99 13.34 -5.44 33.05
N MET A 100 13.48 -6.42 32.16
CA MET A 100 14.74 -7.11 31.90
C MET A 100 15.80 -6.19 31.29
N ASP A 101 15.36 -5.06 30.72
CA ASP A 101 16.28 -4.06 30.13
C ASP A 101 16.54 -2.88 31.07
N GLY A 102 16.05 -2.98 32.30
CA GLY A 102 16.48 -2.12 33.41
C GLY A 102 15.99 -0.68 33.42
N ASN A 103 14.99 -0.36 32.61
CA ASN A 103 14.45 1.00 32.57
C ASN A 103 13.33 1.18 33.57
N THR A 104 12.68 0.08 33.90
CA THR A 104 11.63 0.08 34.92
C THR A 104 11.64 -1.27 35.60
N THR A 105 11.09 -1.31 36.82
CA THR A 105 10.81 -2.57 37.53
C THR A 105 9.31 -2.84 37.57
N GLU A 106 8.52 -1.95 36.95
CA GLU A 106 7.08 -2.05 36.89
C GLU A 106 6.67 -3.18 35.98
N ASN A 107 5.69 -3.98 36.41
CA ASN A 107 5.01 -4.90 35.49
C ASN A 107 3.77 -4.16 34.95
N ILE A 108 3.86 -3.65 33.72
CA ILE A 108 2.76 -2.85 33.13
C ILE A 108 1.45 -3.65 32.99
N ASN A 109 1.55 -4.95 32.74
CA ASN A 109 0.35 -5.79 32.65
C ASN A 109 -0.43 -5.81 33.96
N ASP A 110 0.28 -5.91 35.08
CA ASP A 110 -0.35 -5.84 36.40
CA ASP A 110 -0.30 -5.82 36.44
C ASP A 110 -1.01 -4.49 36.64
N THR A 111 -0.36 -3.41 36.17
CA THR A 111 -0.93 -2.05 36.26
C THR A 111 -2.24 -1.96 35.50
N PHE A 112 -2.29 -2.60 34.32
CA PHE A 112 -3.47 -2.55 33.48
C PHE A 112 -4.57 -3.35 34.09
N ILE A 113 -4.27 -4.59 34.45
CA ILE A 113 -5.23 -5.46 35.12
C ILE A 113 -5.77 -4.77 36.37
N LYS A 114 -4.88 -4.22 37.17
CA LYS A 114 -5.26 -3.58 38.47
C LYS A 114 -6.21 -2.40 38.33
N THR A 115 -6.02 -1.59 37.28
CA THR A 115 -6.73 -0.31 37.16
C THR A 115 -7.85 -0.35 36.08
N LEU A 116 -7.96 -1.50 35.39
CA LEU A 116 -8.98 -1.67 34.36
C LEU A 116 -10.08 -2.65 34.77
N GLN A 117 -9.94 -3.22 35.97
CA GLN A 117 -10.89 -4.21 36.51
C GLN A 117 -11.14 -3.93 38.00
N GLY A 118 -12.05 -4.67 38.60
CA GLY A 118 -12.34 -4.50 40.01
C GLY A 118 -13.01 -3.17 40.31
N HIS A 119 -12.64 -2.56 41.43
CA HIS A 119 -13.23 -1.28 41.83
C HIS A 119 -12.96 -0.20 40.80
N ALA A 120 -11.73 -0.24 40.24
CA ALA A 120 -11.32 0.71 39.22
C ALA A 120 -12.28 0.70 38.03
N LEU A 121 -12.65 -0.49 37.58
CA LEU A 121 -13.56 -0.63 36.45
C LEU A 121 -14.89 0.11 36.69
N ASN A 122 -15.40 0.05 37.93
CA ASN A 122 -16.68 0.64 38.27
C ASN A 122 -16.63 2.12 38.08
N SER A 123 -15.57 2.74 38.59
CA SER A 123 -15.35 4.18 38.48
C SER A 123 -15.11 4.63 37.03
N LEU A 124 -14.32 3.88 36.26
CA LEU A 124 -14.24 4.10 34.80
C LEU A 124 -15.57 4.06 34.08
N THR A 125 -16.35 3.03 34.37
CA THR A 125 -17.63 2.80 33.73
C THR A 125 -18.56 3.95 33.99
N GLU A 126 -18.58 4.37 35.24
CA GLU A 126 -19.46 5.46 35.70
C GLU A 126 -19.05 6.79 35.08
N SER A 127 -17.76 7.04 35.08
CA SER A 127 -17.21 8.25 34.43
C SER A 127 -17.53 8.26 32.90
N MET A 128 -17.43 7.10 32.24
CA MET A 128 -17.70 7.04 30.79
C MET A 128 -19.19 7.38 30.54
N MET A 129 -20.08 6.78 31.32
CA MET A 129 -21.48 7.05 31.17
C MET A 129 -21.77 8.57 31.32
N GLU A 130 -21.14 9.21 32.30
CA GLU A 130 -21.31 10.67 32.52
C GLU A 130 -20.77 11.47 31.34
N ASN A 131 -19.56 11.12 30.88
CA ASN A 131 -18.95 11.79 29.75
C ASN A 131 -19.73 11.61 28.45
N LEU A 132 -20.29 10.43 28.23
CA LEU A 132 -21.08 10.18 27.03
C LEU A 132 -22.34 11.04 26.99
N GLN A 133 -22.97 11.23 28.15
CA GLN A 133 -24.21 12.02 28.20
C GLN A 133 -23.95 13.49 28.02
N ARG A 134 -22.86 14.01 28.61
CA ARG A 134 -22.49 15.41 28.39
C ARG A 134 -22.21 15.70 26.94
N ILE A 135 -21.59 14.75 26.25
CA ILE A 135 -21.17 14.93 24.85
C ILE A 135 -22.35 14.79 23.93
N MET A 136 -23.18 13.78 24.19
CA MET A 136 -24.26 13.40 23.27
C MET A 136 -25.50 14.30 23.36
N ARG A 137 -25.70 14.99 24.47
CA ARG A 137 -26.88 15.89 24.60
C ARG A 137 -26.66 17.21 23.87
N ALA A 148 -34.24 18.79 14.48
CA ALA A 148 -33.87 18.59 13.07
C ALA A 148 -33.02 17.31 12.82
N TRP A 149 -33.12 16.75 11.61
CA TRP A 149 -32.29 15.62 11.18
C TRP A 149 -30.92 16.13 10.77
N VAL A 150 -29.87 15.50 11.29
CA VAL A 150 -28.46 15.79 10.89
C VAL A 150 -27.90 14.58 10.15
N THR A 151 -27.40 14.80 8.92
CA THR A 151 -26.77 13.76 8.14
C THR A 151 -25.24 13.84 8.33
N GLU A 152 -24.62 12.69 8.49
CA GLU A 152 -23.20 12.60 8.79
C GLU A 152 -22.69 11.21 8.46
N GLY A 153 -21.41 11.12 8.14
CA GLY A 153 -20.73 9.81 8.10
C GLY A 153 -20.85 9.15 9.47
N MET A 154 -21.26 7.89 9.50
CA MET A 154 -21.46 7.19 10.78
C MET A 154 -20.14 6.91 11.48
N TYR A 155 -19.09 6.56 10.74
CA TYR A 155 -17.75 6.30 11.32
C TYR A 155 -17.20 7.54 11.95
N SER A 156 -17.24 8.62 11.19
CA SER A 156 -16.89 9.95 11.66
C SER A 156 -17.71 10.43 12.91
N PHE A 157 -18.96 10.04 13.00
CA PHE A 157 -19.78 10.35 14.18
C PHE A 157 -19.31 9.57 15.39
N CYS A 158 -19.13 8.26 15.23
CA CYS A 158 -18.64 7.42 16.30
C CYS A 158 -17.23 7.82 16.78
N TYR A 159 -16.38 8.23 15.84
CA TYR A 159 -15.05 8.71 16.10
C TYR A 159 -15.07 9.96 17.05
N ARG A 160 -15.83 10.99 16.66
CA ARG A 160 -16.02 12.23 17.47
C ARG A 160 -16.44 11.90 18.88
N VAL A 161 -17.56 11.19 18.97
CA VAL A 161 -18.22 10.94 20.22
C VAL A 161 -17.37 10.05 21.09
N MET A 162 -16.96 8.91 20.55
CA MET A 162 -16.21 7.95 21.36
C MET A 162 -14.82 8.44 21.71
N PHE A 163 -14.14 9.10 20.79
CA PHE A 163 -12.81 9.61 21.07
C PHE A 163 -12.85 10.59 22.25
N GLU A 164 -13.77 11.53 22.19
CA GLU A 164 -13.87 12.53 23.22
C GLU A 164 -14.23 11.92 24.57
N ALA A 165 -15.23 11.02 24.54
CA ALA A 165 -15.73 10.41 25.75
C ALA A 165 -14.64 9.59 26.40
N GLY A 166 -13.93 8.82 25.59
CA GLY A 166 -12.84 7.94 26.08
C GLY A 166 -11.63 8.75 26.54
N TYR A 167 -11.32 9.83 25.83
CA TYR A 167 -10.17 10.68 26.18
C TYR A 167 -10.41 11.31 27.56
N LEU A 168 -11.58 11.86 27.75
CA LEU A 168 -11.91 12.57 29.01
C LEU A 168 -12.03 11.61 30.16
N THR A 169 -12.51 10.40 29.89
CA THR A 169 -12.62 9.36 30.89
C THR A 169 -11.24 8.88 31.38
N ILE A 170 -10.30 8.71 30.46
CA ILE A 170 -8.99 8.14 30.80
CA ILE A 170 -8.99 8.14 30.80
C ILE A 170 -8.02 9.24 31.29
N PHE A 171 -8.05 10.40 30.62
CA PHE A 171 -7.12 11.52 30.87
C PHE A 171 -7.74 12.68 31.63
N GLY A 172 -8.95 12.51 32.10
CA GLY A 172 -9.61 13.56 32.87
C GLY A 172 -9.85 14.78 32.01
N ARG A 173 -10.24 15.89 32.63
CA ARG A 173 -10.55 17.13 31.93
C ARG A 173 -9.82 18.35 32.53
N ASP A 174 -9.59 19.36 31.69
CA ASP A 174 -9.02 20.62 32.09
C ASP A 174 -10.17 21.61 32.31
N LEU A 175 -10.46 21.86 33.57
CA LEU A 175 -11.60 22.68 33.96
C LEU A 175 -11.25 24.18 34.08
N THR A 176 -9.97 24.49 34.07
CA THR A 176 -9.50 25.87 33.97
C THR A 176 -9.82 26.40 32.56
N ARG A 177 -9.72 25.49 31.59
CA ARG A 177 -9.72 25.81 30.17
C ARG A 177 -11.08 25.54 29.51
N ARG A 178 -12.18 25.69 30.24
CA ARG A 178 -13.52 25.21 29.74
C ARG A 178 -13.86 25.63 28.31
N ASP A 179 -13.71 26.92 28.02
CA ASP A 179 -14.14 27.49 26.73
C ASP A 179 -13.25 27.08 25.50
N THR A 180 -12.03 26.62 25.76
CA THR A 180 -11.11 26.09 24.72
C THR A 180 -11.00 24.55 24.80
N GLN A 181 -11.96 23.90 25.47
CA GLN A 181 -12.00 22.45 25.62
C GLN A 181 -12.31 21.76 24.29
N LYS A 182 -13.27 22.30 23.53
CA LYS A 182 -13.59 21.77 22.18
C LYS A 182 -12.43 21.91 21.17
N ALA A 183 -11.67 23.00 21.26
CA ALA A 183 -10.44 23.15 20.47
C ALA A 183 -9.38 22.08 20.80
N HIS A 184 -9.08 21.90 22.09
CA HIS A 184 -8.09 20.90 22.53
C HIS A 184 -8.49 19.48 22.03
N ILE A 185 -9.75 19.12 22.23
CA ILE A 185 -10.24 17.77 21.85
C ILE A 185 -10.19 17.57 20.34
N LEU A 186 -10.66 18.53 19.56
CA LEU A 186 -10.57 18.48 18.11
C LEU A 186 -9.13 18.37 17.59
N ASN A 187 -8.19 19.11 18.21
CA ASN A 187 -6.76 18.96 17.87
C ASN A 187 -6.26 17.54 18.14
N ASN A 188 -6.63 17.01 19.30
CA ASN A 188 -6.22 15.66 19.73
C ASN A 188 -6.79 14.58 18.84
N LEU A 189 -8.07 14.69 18.55
CA LEU A 189 -8.74 13.78 17.66
C LEU A 189 -8.05 13.74 16.29
N ASP A 190 -7.78 14.91 15.72
CA ASP A 190 -7.13 15.02 14.43
C ASP A 190 -5.74 14.47 14.49
N ASN A 191 -5.01 14.78 15.55
CA ASN A 191 -3.67 14.27 15.68
C ASN A 191 -3.66 12.74 15.82
N PHE A 192 -4.61 12.23 16.61
CA PHE A 192 -4.74 10.79 16.79
C PHE A 192 -5.05 10.08 15.46
N LYS A 193 -5.97 10.64 14.67
CA LYS A 193 -6.32 10.07 13.38
C LYS A 193 -5.13 9.93 12.46
N GLN A 194 -4.30 10.97 12.43
CA GLN A 194 -3.12 11.02 11.55
C GLN A 194 -2.03 10.06 12.01
N PHE A 195 -1.88 9.87 13.31
CA PHE A 195 -0.89 8.92 13.85
C PHE A 195 -1.36 7.46 13.67
N ASP A 196 -2.62 7.20 14.06
CA ASP A 196 -3.20 5.86 13.94
C ASP A 196 -3.21 5.37 12.47
N LYS A 197 -3.46 6.31 11.55
CA LYS A 197 -3.48 6.01 10.11
C LYS A 197 -2.30 5.18 9.62
N VAL A 198 -1.10 5.53 10.08
CA VAL A 198 0.13 4.94 9.57
C VAL A 198 0.61 3.80 10.44
N PHE A 199 -0.10 3.54 11.53
CA PHE A 199 0.30 2.47 12.49
C PHE A 199 0.64 1.05 11.90
N PRO A 200 -0.13 0.59 10.89
CA PRO A 200 0.23 -0.72 10.32
C PRO A 200 1.69 -0.73 9.74
N ALA A 201 2.10 0.40 9.19
CA ALA A 201 3.44 0.58 8.66
C ALA A 201 4.46 0.62 9.78
N LEU A 202 4.15 1.34 10.87
CA LEU A 202 5.10 1.49 12.00
C LEU A 202 5.47 0.17 12.68
N VAL A 203 4.46 -0.64 12.92
CA VAL A 203 4.62 -1.98 13.49
C VAL A 203 5.53 -2.88 12.69
N ALA A 204 5.51 -2.65 11.38
CA ALA A 204 6.26 -3.40 10.41
C ALA A 204 7.74 -2.96 10.26
N GLY A 205 8.13 -1.86 10.89
CA GLY A 205 9.54 -1.40 10.89
C GLY A 205 9.77 -0.29 9.91
N LEU A 206 8.69 0.21 9.31
CA LEU A 206 8.79 1.36 8.40
C LEU A 206 8.94 2.63 9.25
N PRO A 207 9.81 3.56 8.81
CA PRO A 207 10.16 4.70 9.68
C PRO A 207 9.07 5.76 9.72
N ILE A 208 8.78 6.27 10.91
CA ILE A 208 7.73 7.27 11.07
C ILE A 208 8.00 8.59 10.29
N HIS A 209 9.26 8.92 10.06
CA HIS A 209 9.61 10.14 9.30
C HIS A 209 9.36 10.00 7.80
N MET A 210 8.99 8.80 7.34
CA MET A 210 8.44 8.60 5.99
C MET A 210 7.03 9.18 5.94
N PHE A 211 6.50 9.53 7.11
CA PHE A 211 5.14 10.01 7.27
C PHE A 211 5.13 11.30 8.07
N ARG A 212 5.55 12.39 7.43
CA ARG A 212 5.85 13.65 8.14
C ARG A 212 4.70 14.12 9.02
N THR A 213 3.51 14.12 8.45
CA THR A 213 2.28 14.50 9.14
C THR A 213 1.96 13.59 10.33
N ALA A 214 2.09 12.30 10.14
CA ALA A 214 1.81 11.35 11.22
C ALA A 214 2.84 11.52 12.32
N HIS A 215 4.09 11.81 11.93
CA HIS A 215 5.20 11.99 12.87
C HIS A 215 4.99 13.21 13.76
N ASN A 216 4.59 14.32 13.16
CA ASN A 216 4.27 15.52 13.89
C ASN A 216 3.09 15.29 14.80
N ALA A 217 2.04 14.66 14.27
CA ALA A 217 0.84 14.25 15.04
C ALA A 217 1.24 13.47 16.27
N ARG A 218 2.05 12.43 16.08
CA ARG A 218 2.50 11.64 17.23
C ARG A 218 3.16 12.47 18.33
N GLU A 219 4.04 13.37 17.91
CA GLU A 219 4.85 14.13 18.89
C GLU A 219 4.01 15.20 19.58
N LYS A 220 3.09 15.77 18.83
CA LYS A 220 2.11 16.67 19.42
C LYS A 220 1.22 15.95 20.47
N LEU A 221 0.73 14.74 20.17
CA LEU A 221 -0.02 13.96 21.19
C LEU A 221 0.85 13.72 22.39
N ALA A 222 2.08 13.26 22.18
CA ALA A 222 3.01 12.99 23.28
C ALA A 222 3.22 14.23 24.15
N GLU A 223 3.38 15.39 23.49
CA GLU A 223 3.56 16.66 24.21
C GLU A 223 2.43 16.90 25.19
N SER A 224 1.19 16.73 24.70
CA SER A 224 -0.02 16.95 25.49
C SER A 224 -0.19 15.93 26.64
N LEU A 225 0.60 14.86 26.61
CA LEU A 225 0.52 13.79 27.58
C LEU A 225 1.72 13.79 28.56
N ARG A 226 2.52 14.88 28.55
CA ARG A 226 3.64 15.04 29.48
C ARG A 226 3.04 15.20 30.84
N HIS A 227 3.74 14.72 31.87
CA HIS A 227 3.18 14.82 33.25
C HIS A 227 2.80 16.28 33.62
N GLU A 228 3.66 17.22 33.22
CA GLU A 228 3.41 18.66 33.42
C GLU A 228 2.00 19.05 32.99
N ASN A 229 1.56 18.54 31.84
CA ASN A 229 0.22 18.86 31.30
C ASN A 229 -0.93 17.99 31.87
N LEU A 230 -0.61 16.76 32.22
CA LEU A 230 -1.57 15.88 32.87
C LEU A 230 -1.88 16.32 34.31
N GLN A 231 -0.91 16.94 35.01
CA GLN A 231 -1.15 17.50 36.38
C GLN A 231 -2.15 18.66 36.44
N LYS A 232 -2.39 19.32 35.32
CA LYS A 232 -3.41 20.35 35.26
C LYS A 232 -4.83 19.79 35.18
N ARG A 233 -4.95 18.46 35.03
CA ARG A 233 -6.23 17.83 34.70
C ARG A 233 -6.81 17.20 35.92
N GLU A 234 -8.14 17.16 35.97
CA GLU A 234 -8.88 16.59 37.09
C GLU A 234 -9.72 15.40 36.66
N SER A 235 -10.10 14.58 37.64
CA SER A 235 -10.77 13.30 37.41
C SER A 235 -10.06 12.45 36.35
N ILE A 236 -8.73 12.40 36.47
CA ILE A 236 -7.89 11.48 35.74
C ILE A 236 -8.26 10.07 36.18
N SER A 237 -8.25 9.14 35.23
CA SER A 237 -8.48 7.72 35.55
C SER A 237 -7.49 7.28 36.58
N GLU A 238 -7.86 6.27 37.34
CA GLU A 238 -6.92 5.62 38.23
C GLU A 238 -5.77 4.98 37.42
N LEU A 239 -6.05 4.45 36.22
CA LEU A 239 -5.00 3.88 35.37
C LEU A 239 -3.85 4.88 35.10
N ILE A 240 -4.20 6.11 34.70
CA ILE A 240 -3.22 7.11 34.35
C ILE A 240 -2.57 7.75 35.60
N SER A 241 -3.33 7.95 36.66
CA SER A 241 -2.75 8.47 37.90
C SER A 241 -1.72 7.48 38.49
N LEU A 242 -2.03 6.19 38.43
CA LEU A 242 -1.08 5.17 38.87
C LEU A 242 0.11 5.07 37.92
N ARG A 243 -0.15 5.14 36.62
CA ARG A 243 0.94 5.02 35.65
C ARG A 243 1.91 6.21 35.76
N MET A 244 1.38 7.39 36.08
CA MET A 244 2.21 8.56 36.40
C MET A 244 3.05 8.26 37.64
N PHE A 245 2.40 7.77 38.70
CA PHE A 245 3.10 7.46 39.92
C PHE A 245 4.24 6.44 39.70
N LEU A 246 4.02 5.40 38.91
CA LEU A 246 5.06 4.36 38.74
C LEU A 246 6.14 4.73 37.70
N ASN A 247 5.78 5.56 36.72
CA ASN A 247 6.77 6.23 35.86
C ASN A 247 7.82 6.94 36.74
N ASP A 248 7.30 7.69 37.71
CA ASP A 248 8.08 8.58 38.55
C ASP A 248 8.89 7.81 39.56
N THR A 249 8.27 6.79 40.15
CA THR A 249 8.86 6.06 41.26
C THR A 249 9.66 4.82 40.84
N LEU A 250 9.29 4.17 39.74
CA LEU A 250 9.92 2.87 39.38
C LEU A 250 10.70 2.84 38.07
N SER A 251 10.82 3.98 37.37
CA SER A 251 11.52 4.01 36.09
C SER A 251 12.54 5.13 36.00
N THR A 252 13.50 4.94 35.11
CA THR A 252 14.49 5.96 34.76
C THR A 252 14.20 6.58 33.36
N PHE A 253 12.92 6.58 32.94
CA PHE A 253 12.49 7.17 31.68
C PHE A 253 12.60 8.67 31.77
N ASP A 254 12.90 9.32 30.66
CA ASP A 254 12.86 10.78 30.63
C ASP A 254 11.39 11.27 30.53
N ASP A 255 11.21 12.59 30.42
CA ASP A 255 9.87 13.19 30.46
C ASP A 255 9.04 12.93 29.19
N LEU A 256 9.69 12.90 28.04
CA LEU A 256 9.04 12.58 26.80
C LEU A 256 8.64 11.09 26.76
N GLU A 257 9.55 10.22 27.15
CA GLU A 257 9.26 8.78 27.21
C GLU A 257 8.08 8.51 28.12
N LYS A 258 8.06 9.16 29.26
CA LYS A 258 6.97 9.06 30.16
C LYS A 258 5.66 9.43 29.44
N ALA A 259 5.66 10.54 28.70
CA ALA A 259 4.50 10.96 27.95
C ALA A 259 4.06 9.85 26.96
N LYS A 260 5.05 9.18 26.37
CA LYS A 260 4.77 8.18 25.37
C LYS A 260 4.21 6.87 25.91
N THR A 261 4.43 6.62 27.19
CA THR A 261 3.83 5.47 27.83
C THR A 261 2.35 5.74 28.02
N HIS A 262 1.98 7.01 28.16
CA HIS A 262 0.58 7.36 28.24
C HIS A 262 -0.07 7.37 26.86
N LEU A 263 0.72 7.67 25.83
CA LEU A 263 0.26 7.57 24.44
C LEU A 263 -0.05 6.10 24.04
N VAL A 264 0.71 5.17 24.57
CA VAL A 264 0.46 3.76 24.37
C VAL A 264 -0.94 3.42 24.88
N VAL A 265 -1.30 3.98 26.03
CA VAL A 265 -2.64 3.81 26.61
C VAL A 265 -3.73 4.52 25.83
N LEU A 266 -3.44 5.72 25.31
CA LEU A 266 -4.42 6.40 24.49
C LEU A 266 -4.75 5.52 23.26
N TRP A 267 -3.69 5.06 22.59
CA TRP A 267 -3.83 4.30 21.38
C TRP A 267 -4.67 3.02 21.64
N ALA A 268 -4.29 2.29 22.68
CA ALA A 268 -4.97 1.01 23.07
C ALA A 268 -6.39 1.20 23.44
N SER A 269 -6.71 2.35 24.06
CA SER A 269 -8.06 2.62 24.51
C SER A 269 -9.00 3.00 23.35
N GLN A 270 -8.41 3.34 22.20
CA GLN A 270 -9.12 4.02 21.14
C GLN A 270 -9.16 3.23 19.84
N ALA A 271 -8.07 2.60 19.49
CA ALA A 271 -7.93 2.13 18.11
C ALA A 271 -8.88 1.00 17.75
N ASN A 272 -9.29 0.20 18.74
CA ASN A 272 -10.31 -0.85 18.49
C ASN A 272 -11.72 -0.42 18.86
N THR A 273 -11.85 0.45 19.87
CA THR A 273 -13.14 0.88 20.36
C THR A 273 -13.92 1.68 19.34
N ILE A 274 -13.25 2.50 18.57
CA ILE A 274 -13.94 3.35 17.59
C ILE A 274 -14.57 2.50 16.47
N PRO A 275 -13.77 1.67 15.77
CA PRO A 275 -14.40 0.79 14.76
C PRO A 275 -15.39 -0.27 15.28
N ALA A 276 -15.22 -0.72 16.54
CA ALA A 276 -16.14 -1.66 17.16
C ALA A 276 -17.48 -1.02 17.39
N THR A 277 -17.45 0.26 17.75
CA THR A 277 -18.64 1.05 17.98
C THR A 277 -19.39 1.27 16.68
N PHE A 278 -18.67 1.66 15.64
CA PHE A 278 -19.25 1.84 14.33
C PHE A 278 -19.98 0.60 13.87
N TRP A 279 -19.32 -0.53 13.94
CA TRP A 279 -19.88 -1.77 13.41
C TRP A 279 -21.09 -2.18 14.21
N SER A 280 -21.01 -2.06 15.55
CA SER A 280 -22.13 -2.39 16.41
C SER A 280 -23.36 -1.47 16.13
N LEU A 281 -23.13 -0.16 15.96
CA LEU A 281 -24.21 0.76 15.60
C LEU A 281 -24.77 0.48 14.19
N PHE A 282 -23.86 0.35 13.21
CA PHE A 282 -24.23 0.10 11.83
C PHE A 282 -25.07 -1.18 11.66
N GLN A 283 -24.58 -2.25 12.25
CA GLN A 283 -25.23 -3.55 12.15
C GLN A 283 -26.60 -3.61 12.86
N MET A 284 -26.72 -2.93 13.98
CA MET A 284 -28.00 -2.78 14.64
C MET A 284 -29.01 -2.01 13.79
N ILE A 285 -28.63 -0.84 13.30
CA ILE A 285 -29.54 0.02 12.57
C ILE A 285 -29.94 -0.61 11.26
N ARG A 286 -28.96 -1.21 10.58
CA ARG A 286 -29.13 -1.88 9.28
C ARG A 286 -30.10 -3.10 9.26
N ASN A 287 -30.18 -3.82 10.37
CA ASN A 287 -30.97 -5.05 10.50
C ASN A 287 -32.16 -4.81 11.42
N PRO A 288 -33.36 -4.54 10.83
CA PRO A 288 -34.56 -4.18 11.60
C PRO A 288 -34.86 -5.09 12.81
N GLU A 289 -34.57 -6.38 12.70
CA GLU A 289 -34.80 -7.32 13.83
C GLU A 289 -33.85 -7.02 15.00
N ALA A 290 -32.57 -6.76 14.69
CA ALA A 290 -31.58 -6.35 15.68
C ALA A 290 -32.00 -5.09 16.40
N MET A 291 -32.42 -4.10 15.63
CA MET A 291 -32.85 -2.81 16.17
C MET A 291 -34.04 -2.92 17.11
N LYS A 292 -35.01 -3.77 16.76
CA LYS A 292 -36.24 -3.95 17.54
C LYS A 292 -35.92 -4.68 18.84
N ALA A 293 -35.13 -5.75 18.74
CA ALA A 293 -34.73 -6.51 19.90
C ALA A 293 -33.88 -5.67 20.84
N ALA A 294 -32.98 -4.84 20.27
CA ALA A 294 -32.14 -3.93 21.08
C ALA A 294 -32.96 -2.83 21.76
N THR A 295 -33.85 -2.22 21.00
CA THR A 295 -34.72 -1.15 21.50
C THR A 295 -35.58 -1.58 22.71
N GLU A 296 -36.15 -2.78 22.63
CA GLU A 296 -36.95 -3.36 23.73
C GLU A 296 -36.14 -3.68 24.96
N GLU A 297 -35.01 -4.36 24.77
CA GLU A 297 -34.12 -4.68 25.89
C GLU A 297 -33.68 -3.43 26.65
N VAL A 298 -33.31 -2.40 25.90
CA VAL A 298 -32.85 -1.17 26.53
C VAL A 298 -34.03 -0.50 27.32
N LYS A 299 -35.24 -0.53 26.74
CA LYS A 299 -36.43 0.06 27.36
C LYS A 299 -36.81 -0.65 28.65
N ARG A 300 -36.87 -1.96 28.57
CA ARG A 300 -37.13 -2.81 29.71
C ARG A 300 -36.10 -2.55 30.83
N THR A 301 -34.82 -2.42 30.46
CA THR A 301 -33.74 -2.24 31.47
C THR A 301 -33.77 -0.86 32.11
N LEU A 302 -34.11 0.17 31.34
CA LEU A 302 -34.13 1.51 31.88
C LEU A 302 -35.37 1.69 32.74
N GLU A 303 -36.50 1.14 32.25
CA GLU A 303 -37.80 1.25 32.91
C GLU A 303 -37.73 0.73 34.32
N ASN A 304 -37.25 -0.50 34.50
CA ASN A 304 -37.25 -1.06 35.82
C ASN A 304 -35.96 -0.87 36.60
N ALA A 305 -35.04 -0.05 36.08
CA ALA A 305 -34.00 0.57 36.92
C ALA A 305 -34.45 1.98 37.30
N GLY A 306 -35.67 2.33 36.92
CA GLY A 306 -36.27 3.66 37.20
C GLY A 306 -35.59 4.85 36.55
N GLN A 307 -34.88 4.58 35.45
CA GLN A 307 -34.06 5.61 34.80
C GLN A 307 -34.86 6.28 33.71
N LYS A 308 -35.12 7.57 33.90
CA LYS A 308 -35.82 8.35 32.89
C LYS A 308 -34.77 8.88 31.90
N VAL A 309 -35.18 8.96 30.65
CA VAL A 309 -34.36 9.51 29.59
C VAL A 309 -34.89 10.90 29.22
N SER A 310 -33.99 11.88 29.22
CA SER A 310 -34.34 13.22 28.72
C SER A 310 -33.07 13.97 28.38
N LEU A 311 -33.22 14.97 27.52
CA LEU A 311 -32.06 15.71 27.04
C LEU A 311 -31.60 16.70 28.08
N GLU A 312 -32.56 17.31 28.78
CA GLU A 312 -32.24 18.37 29.73
C GLU A 312 -32.26 17.89 31.19
N GLY A 313 -32.93 16.77 31.47
CA GLY A 313 -33.07 16.26 32.84
C GLY A 313 -31.81 15.71 33.50
N ASN A 314 -31.99 14.93 34.57
CA ASN A 314 -30.88 14.31 35.32
C ASN A 314 -30.31 13.13 34.54
N PRO A 315 -29.03 12.78 34.78
CA PRO A 315 -28.40 11.68 34.04
C PRO A 315 -28.95 10.28 34.34
N ILE A 316 -28.73 9.34 33.43
CA ILE A 316 -28.99 7.93 33.65
C ILE A 316 -27.86 7.31 34.46
N CYS A 317 -28.20 6.42 35.37
CA CYS A 317 -27.20 5.69 36.14
CA CYS A 317 -27.20 5.70 36.18
C CYS A 317 -27.57 4.23 36.16
N LEU A 318 -26.64 3.37 35.73
CA LEU A 318 -26.88 1.94 35.67
C LEU A 318 -25.84 1.19 36.45
N SER A 319 -26.28 0.18 37.20
CA SER A 319 -25.41 -0.68 37.97
C SER A 319 -24.55 -1.54 37.05
N GLN A 320 -23.44 -2.04 37.56
CA GLN A 320 -22.62 -2.98 36.79
C GLN A 320 -23.50 -4.09 36.27
N ALA A 321 -24.35 -4.60 37.13
CA ALA A 321 -25.21 -5.76 36.84
C ALA A 321 -26.24 -5.45 35.77
N GLU A 322 -26.83 -4.28 35.82
CA GLU A 322 -27.81 -3.89 34.80
C GLU A 322 -27.17 -3.76 33.40
N LEU A 323 -25.93 -3.28 33.39
CA LEU A 323 -25.16 -3.07 32.16
C LEU A 323 -24.69 -4.37 31.60
N ASN A 324 -24.20 -5.23 32.50
CA ASN A 324 -23.67 -6.54 32.17
C ASN A 324 -24.74 -7.52 31.71
N ASP A 325 -25.93 -7.47 32.31
CA ASP A 325 -27.03 -8.37 31.96
C ASP A 325 -27.88 -7.77 30.81
N LEU A 326 -27.22 -7.60 29.66
CA LEU A 326 -27.85 -7.08 28.44
C LEU A 326 -27.47 -8.00 27.28
N PRO A 327 -28.10 -9.20 27.21
CA PRO A 327 -27.67 -10.24 26.28
C PRO A 327 -27.83 -9.92 24.79
N VAL A 328 -28.88 -9.18 24.44
CA VAL A 328 -29.12 -8.73 23.08
C VAL A 328 -28.01 -7.77 22.65
N LEU A 329 -27.70 -6.78 23.49
CA LEU A 329 -26.61 -5.86 23.21
C LEU A 329 -25.27 -6.59 23.11
N ASP A 330 -25.04 -7.53 24.04
CA ASP A 330 -23.82 -8.32 24.03
C ASP A 330 -23.69 -9.10 22.73
N SER A 331 -24.79 -9.65 22.26
CA SER A 331 -24.79 -10.49 21.05
C SER A 331 -24.56 -9.66 19.81
N ILE A 332 -25.27 -8.52 19.72
CA ILE A 332 -25.02 -7.51 18.70
C ILE A 332 -23.54 -7.10 18.64
N ILE A 333 -22.95 -6.80 19.79
CA ILE A 333 -21.53 -6.42 19.83
C ILE A 333 -20.63 -7.60 19.44
N LYS A 334 -20.84 -8.77 20.05
CA LYS A 334 -20.04 -9.93 19.67
C LYS A 334 -20.12 -10.28 18.21
N GLU A 335 -21.32 -10.24 17.66
CA GLU A 335 -21.51 -10.54 16.23
C GLU A 335 -20.82 -9.52 15.34
N SER A 336 -20.83 -8.25 15.75
CA SER A 336 -20.16 -7.17 15.01
C SER A 336 -18.62 -7.38 14.97
N LEU A 337 -18.07 -7.83 16.07
CA LEU A 337 -16.65 -8.09 16.18
C LEU A 337 -16.23 -9.40 15.57
N ARG A 338 -17.10 -10.44 15.63
CA ARG A 338 -16.85 -11.67 14.90
C ARG A 338 -16.60 -11.35 13.40
N LEU A 339 -17.39 -10.43 12.86
CA LEU A 339 -17.29 -10.05 11.48
C LEU A 339 -16.10 -9.12 11.16
N SER A 340 -15.65 -8.30 12.13
CA SER A 340 -14.61 -7.24 11.87
C SER A 340 -13.22 -7.48 12.52
N SER A 341 -13.12 -8.41 13.46
CA SER A 341 -11.88 -8.62 14.17
C SER A 341 -10.82 -9.24 13.25
N ALA A 342 -9.61 -8.66 13.24
CA ALA A 342 -8.48 -9.20 12.46
C ALA A 342 -7.19 -9.05 13.22
N SER A 343 -7.10 -9.60 14.43
CA SER A 343 -5.81 -9.66 15.16
C SER A 343 -4.86 -10.78 14.70
N LEU A 344 -3.57 -10.47 14.73
CA LEU A 344 -2.52 -11.48 14.77
C LEU A 344 -2.22 -11.71 16.20
N ASN A 345 -2.45 -12.92 16.65
CA ASN A 345 -2.16 -13.33 18.00
C ASN A 345 -0.76 -14.00 17.98
N ILE A 346 0.20 -13.44 18.72
CA ILE A 346 1.60 -13.75 18.55
C ILE A 346 2.29 -14.19 19.85
N ARG A 347 3.26 -15.11 19.71
CA ARG A 347 4.26 -15.36 20.74
C ARG A 347 5.54 -15.78 20.04
N THR A 348 6.66 -15.71 20.77
CA THR A 348 7.98 -15.98 20.20
C THR A 348 8.58 -17.24 20.84
N ALA A 349 9.19 -18.09 20.00
CA ALA A 349 9.93 -19.27 20.50
C ALA A 349 11.13 -18.87 21.38
N LYS A 350 11.04 -19.22 22.66
CA LYS A 350 12.11 -18.98 23.66
C LYS A 350 13.38 -19.80 23.32
N GLU A 351 13.20 -20.95 22.67
CA GLU A 351 14.30 -21.81 22.22
C GLU A 351 13.84 -22.69 21.03
N ASP A 352 14.76 -23.49 20.48
CA ASP A 352 14.40 -24.50 19.50
C ASP A 352 13.51 -25.54 20.20
N PHE A 353 12.43 -25.96 19.55
CA PHE A 353 11.56 -26.96 20.16
C PHE A 353 10.62 -27.57 19.15
N THR A 354 9.85 -28.55 19.61
CA THR A 354 8.87 -29.23 18.78
C THR A 354 7.51 -28.90 19.34
N LEU A 355 6.65 -28.38 18.47
CA LEU A 355 5.30 -28.02 18.83
C LEU A 355 4.41 -29.14 18.43
N HIS A 356 3.61 -29.67 19.36
CA HIS A 356 2.75 -30.84 19.10
C HIS A 356 1.31 -30.41 18.96
N LEU A 357 0.76 -30.52 17.77
CA LEU A 357 -0.64 -30.14 17.51
C LEU A 357 -1.46 -31.35 17.04
N GLU A 358 -2.77 -31.17 16.92
CA GLU A 358 -3.67 -32.17 16.31
C GLU A 358 -3.23 -32.49 14.89
N ASP A 359 -2.63 -31.51 14.22
CA ASP A 359 -2.19 -31.61 12.81
C ASP A 359 -0.87 -32.36 12.62
N GLY A 360 -0.18 -32.67 13.73
CA GLY A 360 1.14 -33.30 13.66
C GLY A 360 2.12 -32.54 14.53
N SER A 361 3.40 -32.81 14.32
CA SER A 361 4.44 -32.23 15.13
C SER A 361 5.41 -31.47 14.24
N TYR A 362 5.75 -30.25 14.67
CA TYR A 362 6.51 -29.32 13.83
C TYR A 362 7.67 -28.70 14.62
N ASN A 363 8.87 -28.77 14.05
CA ASN A 363 10.03 -28.19 14.69
C ASN A 363 10.06 -26.68 14.48
N ILE A 364 10.31 -25.95 15.57
CA ILE A 364 10.34 -24.49 15.52
C ILE A 364 11.65 -23.96 16.07
N ARG A 365 12.30 -23.07 15.32
CA ARG A 365 13.57 -22.50 15.76
C ARG A 365 13.39 -21.39 16.78
N LYS A 366 14.45 -21.13 17.52
CA LYS A 366 14.47 -20.05 18.50
C LYS A 366 14.22 -18.71 17.79
N ASP A 367 13.38 -17.88 18.40
CA ASP A 367 13.00 -16.54 17.84
C ASP A 367 12.02 -16.57 16.65
N ASP A 368 11.55 -17.75 16.27
CA ASP A 368 10.43 -17.86 15.33
C ASP A 368 9.16 -17.32 16.00
N ILE A 369 8.23 -16.81 15.20
CA ILE A 369 6.92 -16.44 15.75
C ILE A 369 5.92 -17.56 15.48
N ILE A 370 5.07 -17.81 16.48
CA ILE A 370 3.95 -18.73 16.37
C ILE A 370 2.70 -17.85 16.43
N ALA A 371 1.90 -17.89 15.39
CA ALA A 371 0.80 -16.95 15.25
C ALA A 371 -0.50 -17.66 14.99
N LEU A 372 -1.57 -17.05 15.49
CA LEU A 372 -2.93 -17.36 15.10
C LEU A 372 -3.47 -16.18 14.39
N TYR A 373 -4.39 -16.42 13.46
CA TYR A 373 -5.17 -15.35 12.85
C TYR A 373 -6.66 -15.72 13.04
N PRO A 374 -7.21 -15.45 14.23
CA PRO A 374 -8.58 -15.89 14.58
C PRO A 374 -9.73 -15.47 13.67
N GLN A 375 -9.54 -14.46 12.82
CA GLN A 375 -10.53 -14.17 11.83
C GLN A 375 -10.87 -15.44 10.96
N LEU A 376 -9.88 -16.29 10.75
CA LEU A 376 -10.06 -17.53 10.02
C LEU A 376 -11.09 -18.48 10.73
N MET A 377 -11.10 -18.45 12.05
CA MET A 377 -12.06 -19.22 12.84
C MET A 377 -13.42 -18.53 12.92
N HIS A 378 -13.42 -17.21 13.14
CA HIS A 378 -14.65 -16.40 13.24
C HIS A 378 -15.54 -16.48 12.01
N LEU A 379 -14.89 -16.58 10.86
CA LEU A 379 -15.58 -16.67 9.60
C LEU A 379 -15.66 -18.13 9.09
N ASP A 380 -15.34 -19.12 9.93
CA ASP A 380 -15.40 -20.53 9.54
C ASP A 380 -16.85 -21.02 9.52
N PRO A 381 -17.37 -21.43 8.35
CA PRO A 381 -18.79 -21.88 8.24
C PRO A 381 -19.15 -23.17 9.02
N GLU A 382 -18.15 -23.96 9.37
CA GLU A 382 -18.32 -25.14 10.21
C GLU A 382 -18.67 -24.82 11.65
N ILE A 383 -18.14 -23.69 12.13
CA ILE A 383 -18.37 -23.23 13.49
C ILE A 383 -19.49 -22.21 13.50
N TYR A 384 -19.58 -21.42 12.45
CA TYR A 384 -20.56 -20.35 12.35
C TYR A 384 -21.29 -20.39 10.98
N PRO A 385 -22.39 -21.20 10.88
CA PRO A 385 -23.14 -21.29 9.61
C PRO A 385 -23.56 -19.93 9.04
N ASP A 386 -23.40 -19.75 7.72
CA ASP A 386 -23.64 -18.46 7.06
CA ASP A 386 -23.62 -18.47 7.06
C ASP A 386 -22.71 -17.39 7.70
N PRO A 387 -21.37 -17.65 7.70
CA PRO A 387 -20.40 -16.82 8.46
C PRO A 387 -20.38 -15.35 8.08
N LEU A 388 -20.80 -14.99 6.86
CA LEU A 388 -20.77 -13.61 6.39
C LEU A 388 -22.04 -12.88 6.62
N THR A 389 -23.00 -13.53 7.27
CA THR A 389 -24.27 -12.89 7.56
C THR A 389 -24.25 -12.46 8.99
N PHE A 390 -24.66 -11.21 9.22
CA PHE A 390 -24.81 -10.69 10.58
C PHE A 390 -26.09 -11.23 11.15
N LYS A 391 -25.93 -12.17 12.09
CA LYS A 391 -27.06 -12.72 12.86
C LYS A 391 -27.04 -12.15 14.29
N TYR A 392 -27.94 -11.19 14.57
CA TYR A 392 -27.91 -10.41 15.82
C TYR A 392 -28.05 -11.29 17.05
N ASP A 393 -28.72 -12.44 16.88
CA ASP A 393 -28.93 -13.39 17.95
C ASP A 393 -27.94 -14.56 17.91
N ARG A 394 -26.81 -14.40 17.24
CA ARG A 394 -25.90 -15.53 17.08
C ARG A 394 -25.32 -15.97 18.43
N TYR A 395 -25.17 -15.04 19.36
CA TYR A 395 -24.61 -15.40 20.65
C TYR A 395 -25.67 -15.40 21.73
N LEU A 396 -26.93 -15.69 21.32
CA LEU A 396 -28.03 -15.90 22.24
C LEU A 396 -28.49 -17.36 22.15
N ASP A 397 -28.81 -17.95 23.29
CA ASP A 397 -29.34 -19.33 23.32
C ASP A 397 -30.88 -19.32 23.33
N GLU A 398 -31.50 -20.49 23.43
CA GLU A 398 -33.00 -20.61 23.42
C GLU A 398 -33.65 -19.72 24.51
N ASN A 399 -32.95 -19.60 25.65
CA ASN A 399 -33.43 -18.80 26.78
C ASN A 399 -33.23 -17.30 26.65
N GLY A 400 -32.60 -16.86 25.56
CA GLY A 400 -32.30 -15.44 25.38
C GLY A 400 -31.13 -15.02 26.27
N LYS A 401 -30.36 -16.00 26.73
CA LYS A 401 -29.15 -15.77 27.52
C LYS A 401 -27.98 -15.86 26.58
N THR A 402 -26.80 -15.51 27.06
CA THR A 402 -25.59 -15.55 26.26
C THR A 402 -25.22 -16.99 25.96
N LYS A 403 -25.06 -17.29 24.67
CA LYS A 403 -24.72 -18.63 24.18
C LYS A 403 -23.21 -18.82 24.19
N THR A 404 -22.77 -19.98 24.68
CA THR A 404 -21.39 -20.31 24.91
C THR A 404 -20.99 -21.70 24.30
N THR A 405 -21.89 -22.29 23.50
CA THR A 405 -21.63 -23.60 22.93
C THR A 405 -21.51 -23.51 21.43
N PHE A 406 -20.30 -23.80 20.95
CA PHE A 406 -19.95 -23.74 19.56
C PHE A 406 -18.99 -24.87 19.34
N TYR A 407 -19.06 -25.47 18.13
CA TYR A 407 -18.38 -26.75 17.84
C TYR A 407 -17.60 -26.70 16.57
N CYS A 408 -16.54 -27.50 16.54
CA CYS A 408 -15.76 -27.74 15.36
C CYS A 408 -15.51 -29.25 15.20
N ASN A 409 -15.98 -29.81 14.09
CA ASN A 409 -15.90 -31.28 13.85
C ASN A 409 -16.53 -32.05 15.04
N GLY A 410 -17.69 -31.58 15.46
CA GLY A 410 -18.39 -32.12 16.62
C GLY A 410 -17.83 -31.80 18.00
N LEU A 411 -16.60 -31.28 18.08
CA LEU A 411 -15.95 -31.02 19.36
C LEU A 411 -16.33 -29.65 19.88
N LYS A 412 -16.61 -29.57 21.16
CA LYS A 412 -17.02 -28.31 21.76
C LYS A 412 -15.76 -27.46 21.90
N LEU A 413 -15.84 -26.22 21.41
CA LEU A 413 -14.69 -25.30 21.39
C LEU A 413 -14.56 -24.53 22.70
N LYS A 414 -13.35 -24.50 23.25
CA LYS A 414 -12.99 -23.61 24.38
C LYS A 414 -12.75 -22.18 23.83
N TYR A 415 -12.07 -22.10 22.68
CA TYR A 415 -11.81 -20.84 22.00
C TYR A 415 -12.61 -20.70 20.71
N TYR A 416 -13.60 -19.83 20.72
CA TYR A 416 -14.45 -19.65 19.54
C TYR A 416 -14.77 -18.18 19.25
N TYR A 417 -14.50 -17.31 20.21
CA TYR A 417 -14.72 -15.86 20.09
C TYR A 417 -13.52 -15.17 20.74
N MET A 418 -12.64 -14.61 19.91
CA MET A 418 -11.35 -14.11 20.35
C MET A 418 -10.98 -12.66 19.98
N PRO A 419 -11.95 -11.75 19.79
CA PRO A 419 -11.53 -10.40 19.36
C PRO A 419 -10.67 -9.61 20.34
N PHE A 420 -10.64 -10.05 21.60
CA PHE A 420 -9.82 -9.48 22.70
C PHE A 420 -8.60 -10.31 23.00
N GLY A 421 -8.34 -11.31 22.18
CA GLY A 421 -7.32 -12.28 22.49
C GLY A 421 -7.81 -13.27 23.54
N SER A 422 -6.84 -13.90 24.19
CA SER A 422 -7.10 -14.92 25.20
C SER A 422 -5.80 -15.27 25.90
N GLY A 423 -5.91 -15.86 27.09
CA GLY A 423 -4.76 -16.27 27.85
C GLY A 423 -4.10 -15.14 28.59
N ALA A 424 -2.78 -15.03 28.44
CA ALA A 424 -2.00 -13.94 29.03
C ALA A 424 -1.92 -12.79 28.04
N THR A 425 -2.03 -13.13 26.75
CA THR A 425 -2.16 -12.14 25.70
C THR A 425 -3.65 -11.82 25.56
N ILE A 426 -4.20 -11.05 26.52
CA ILE A 426 -5.61 -10.69 26.48
C ILE A 426 -5.84 -9.23 26.90
N CYS A 427 -6.72 -8.55 26.17
CA CYS A 427 -6.99 -7.18 26.42
C CYS A 427 -7.33 -6.99 27.88
N PRO A 428 -6.55 -6.18 28.63
CA PRO A 428 -6.98 -5.89 29.99
C PRO A 428 -8.20 -4.97 30.08
N GLY A 429 -8.49 -4.22 28.99
CA GLY A 429 -9.63 -3.29 28.98
C GLY A 429 -10.97 -3.87 28.50
N ARG A 430 -11.04 -5.17 28.34
CA ARG A 430 -12.17 -5.78 27.61
C ARG A 430 -13.52 -5.57 28.22
N LEU A 431 -13.63 -5.64 29.53
CA LEU A 431 -14.89 -5.39 30.22
C LEU A 431 -15.27 -3.96 30.10
N PHE A 432 -14.28 -3.07 30.24
CA PHE A 432 -14.53 -1.65 30.07
C PHE A 432 -14.99 -1.33 28.62
N ALA A 433 -14.31 -1.91 27.64
CA ALA A 433 -14.64 -1.72 26.19
C ALA A 433 -16.13 -2.07 25.91
N ILE A 434 -16.56 -3.24 26.39
CA ILE A 434 -17.97 -3.69 26.28
C ILE A 434 -18.93 -2.73 26.98
N HIS A 435 -18.55 -2.29 28.16
CA HIS A 435 -19.37 -1.31 28.88
C HIS A 435 -19.53 -0.09 28.10
N GLU A 436 -18.42 0.43 27.56
CA GLU A 436 -18.51 1.72 26.87
C GLU A 436 -19.30 1.63 25.58
N ILE A 437 -19.23 0.49 24.88
CA ILE A 437 -20.01 0.32 23.64
C ILE A 437 -21.52 0.16 23.95
N LYS A 438 -21.83 -0.61 25.00
CA LYS A 438 -23.19 -0.74 25.50
C LYS A 438 -23.74 0.61 25.88
N GLN A 439 -22.97 1.39 26.64
CA GLN A 439 -23.40 2.73 27.04
C GLN A 439 -23.72 3.58 25.84
N PHE A 440 -22.82 3.57 24.84
CA PHE A 440 -23.07 4.32 23.58
C PHE A 440 -24.35 3.89 22.87
N LEU A 441 -24.56 2.58 22.71
CA LEU A 441 -25.74 2.06 22.03
C LEU A 441 -27.02 2.41 22.81
N ILE A 442 -26.96 2.26 24.14
CA ILE A 442 -28.07 2.69 25.03
C ILE A 442 -28.46 4.14 24.78
N LEU A 443 -27.47 5.03 24.74
CA LEU A 443 -27.75 6.42 24.59
C LEU A 443 -28.23 6.81 23.20
N MET A 444 -27.70 6.13 22.17
CA MET A 444 -28.09 6.40 20.82
C MET A 444 -29.57 6.03 20.64
N LEU A 445 -29.93 4.84 21.08
CA LEU A 445 -31.31 4.36 21.01
C LEU A 445 -32.31 5.22 21.86
N SER A 446 -31.85 5.71 23.00
CA SER A 446 -32.70 6.44 23.90
C SER A 446 -32.87 7.89 23.47
N TYR A 447 -31.82 8.48 22.88
CA TYR A 447 -31.78 9.91 22.56
C TYR A 447 -32.27 10.27 21.17
N PHE A 448 -32.16 9.35 20.21
CA PHE A 448 -32.29 9.74 18.81
C PHE A 448 -33.22 8.84 18.04
N GLU A 449 -33.77 9.42 16.97
CA GLU A 449 -34.30 8.65 15.85
C GLU A 449 -33.12 8.44 14.92
N LEU A 450 -33.08 7.27 14.29
CA LEU A 450 -31.92 6.84 13.54
C LEU A 450 -32.34 6.21 12.23
N GLU A 451 -31.72 6.65 11.14
CA GLU A 451 -31.95 6.08 9.80
C GLU A 451 -30.68 6.08 8.94
N LEU A 452 -30.49 5.01 8.19
CA LEU A 452 -29.48 4.97 7.17
C LEU A 452 -29.98 5.70 5.95
N ILE A 453 -29.17 6.61 5.42
CA ILE A 453 -29.46 7.32 4.17
C ILE A 453 -29.64 6.34 2.99
N GLU A 454 -28.90 5.25 3.04
CA GLU A 454 -29.05 4.15 2.12
C GLU A 454 -29.33 2.88 2.93
N GLY A 455 -30.58 2.70 3.35
CA GLY A 455 -31.00 1.51 4.13
C GLY A 455 -30.71 0.18 3.45
N GLN A 456 -30.55 0.24 2.12
CA GLN A 456 -30.34 -0.92 1.27
C GLN A 456 -28.88 -1.00 0.75
N ALA A 457 -28.08 0.04 1.02
CA ALA A 457 -26.66 0.07 0.60
C ALA A 457 -25.85 -1.10 1.18
N LYS A 458 -25.11 -1.77 0.30
CA LYS A 458 -24.27 -2.88 0.70
C LYS A 458 -23.37 -2.52 1.91
N CYS A 459 -23.08 -3.54 2.70
CA CYS A 459 -22.13 -3.39 3.81
CA CYS A 459 -22.15 -3.40 3.81
C CYS A 459 -20.76 -3.04 3.27
N PRO A 460 -20.10 -2.01 3.86
CA PRO A 460 -18.79 -1.73 3.30
C PRO A 460 -17.83 -2.88 3.56
N PRO A 461 -16.93 -3.13 2.64
CA PRO A 461 -15.93 -4.14 2.95
C PRO A 461 -15.01 -3.67 4.09
N LEU A 462 -14.38 -4.62 4.75
CA LEU A 462 -13.40 -4.31 5.74
C LEU A 462 -12.21 -3.73 5.04
N ASP A 463 -11.53 -2.83 5.71
CA ASP A 463 -10.32 -2.27 5.21
C ASP A 463 -9.18 -3.09 5.77
N GLN A 464 -8.62 -3.96 4.93
CA GLN A 464 -7.59 -4.91 5.35
C GLN A 464 -6.14 -4.33 5.38
N SER A 465 -5.98 -3.03 5.23
CA SER A 465 -4.67 -2.39 5.37
C SER A 465 -4.18 -2.45 6.81
N ARG A 466 -5.13 -2.59 7.76
CA ARG A 466 -4.81 -2.70 9.17
CA ARG A 466 -4.82 -2.72 9.18
C ARG A 466 -4.85 -4.14 9.68
N ALA A 467 -4.91 -5.10 8.73
CA ALA A 467 -4.95 -6.54 9.06
C ALA A 467 -3.82 -6.90 10.00
N GLY A 468 -4.19 -7.52 11.12
CA GLY A 468 -3.24 -7.80 12.17
C GLY A 468 -3.47 -6.97 13.41
N LEU A 469 -4.06 -5.78 13.26
CA LEU A 469 -4.00 -4.75 14.30
C LEU A 469 -5.14 -4.75 15.26
N GLY A 470 -6.24 -5.44 14.91
CA GLY A 470 -7.42 -5.47 15.77
C GLY A 470 -8.69 -5.41 14.97
N ILE A 471 -9.65 -4.58 15.40
CA ILE A 471 -10.90 -4.40 14.67
C ILE A 471 -10.73 -3.56 13.43
N LEU A 472 -11.09 -4.10 12.27
CA LEU A 472 -10.90 -3.40 11.02
C LEU A 472 -12.07 -2.44 10.74
N PRO A 473 -11.75 -1.18 10.38
CA PRO A 473 -12.75 -0.22 10.01
C PRO A 473 -13.32 -0.52 8.65
N PRO A 474 -14.39 0.19 8.28
CA PRO A 474 -14.92 0.03 6.95
C PRO A 474 -14.01 0.66 5.90
N LEU A 475 -14.00 0.10 4.70
CA LEU A 475 -13.21 0.68 3.61
C LEU A 475 -13.70 2.08 3.24
N ASN A 476 -15.04 2.25 3.24
CA ASN A 476 -15.66 3.56 3.04
CA ASN A 476 -15.69 3.54 3.00
C ASN A 476 -16.70 3.84 4.14
N ASP A 477 -16.85 5.11 4.50
CA ASP A 477 -17.85 5.52 5.49
C ASP A 477 -19.26 5.44 4.87
N ILE A 478 -20.28 5.33 5.71
CA ILE A 478 -21.65 5.31 5.25
C ILE A 478 -22.41 6.41 5.94
N GLU A 479 -23.35 6.99 5.21
CA GLU A 479 -24.09 8.11 5.73
C GLU A 479 -25.30 7.67 6.49
N PHE A 480 -25.54 8.37 7.60
CA PHE A 480 -26.74 8.16 8.38
C PHE A 480 -27.27 9.49 8.87
N LYS A 481 -28.49 9.39 9.39
CA LYS A 481 -29.29 10.54 9.75
C LYS A 481 -29.72 10.34 11.20
N TYR A 482 -29.64 11.39 12.01
CA TYR A 482 -30.08 11.32 13.39
C TYR A 482 -30.78 12.59 13.84
N LYS A 483 -31.72 12.41 14.76
CA LYS A 483 -32.65 13.46 15.21
C LYS A 483 -32.97 13.23 16.66
N PHE A 484 -32.85 14.25 17.48
CA PHE A 484 -33.25 14.13 18.87
C PHE A 484 -34.73 13.73 19.01
N LYS A 485 -34.99 12.69 19.80
CA LYS A 485 -36.36 12.28 20.11
C LYS A 485 -37.04 13.32 21.00
N HIS A 486 -38.37 13.40 20.88
CA HIS A 486 -39.20 14.09 21.89
C HIS A 486 -39.83 13.01 22.73
N HIS A 487 -39.67 13.10 24.04
CA HIS A 487 -40.22 12.10 24.94
C HIS A 487 -41.57 12.58 25.49
N HIS A 488 -42.61 11.78 25.27
CA HIS A 488 -43.98 12.11 25.64
C HIS A 488 -44.42 11.29 26.86
N SER B 7 22.95 -6.69 13.13
CA SER B 7 22.41 -5.62 12.23
C SER B 7 23.52 -4.67 11.82
N ARG B 8 23.38 -4.07 10.63
CA ARG B 8 24.37 -3.14 10.11
C ARG B 8 24.36 -1.81 10.84
N ARG B 9 25.55 -1.32 11.18
CA ARG B 9 25.72 0.04 11.62
C ARG B 9 26.63 0.79 10.66
N ARG B 10 26.47 2.10 10.67
CA ARG B 10 27.29 2.99 9.92
C ARG B 10 28.70 2.97 10.50
N GLN B 11 29.69 2.69 9.66
CA GLN B 11 31.09 2.65 10.07
C GLN B 11 31.86 3.80 9.46
N THR B 12 33.14 3.88 9.82
CA THR B 12 33.97 4.99 9.42
C THR B 12 33.95 5.23 7.87
N GLY B 13 33.71 6.50 7.48
CA GLY B 13 33.66 6.89 6.08
C GLY B 13 32.41 6.54 5.27
N GLU B 14 31.49 5.78 5.87
CA GLU B 14 30.25 5.40 5.20
C GLU B 14 29.27 6.58 5.23
N PRO B 15 28.33 6.64 4.25
CA PRO B 15 27.30 7.68 4.33
C PRO B 15 26.40 7.57 5.59
N PRO B 16 25.68 8.65 5.91
CA PRO B 16 24.65 8.59 6.93
C PRO B 16 23.72 7.43 6.62
N LEU B 17 23.46 6.62 7.63
CA LEU B 17 22.61 5.43 7.51
C LEU B 17 21.23 5.73 8.08
N GLU B 18 20.21 5.67 7.24
CA GLU B 18 18.84 5.88 7.68
C GLU B 18 18.29 4.54 8.27
N ASN B 19 17.89 4.61 9.52
CA ASN B 19 17.15 3.56 10.16
C ASN B 19 15.72 3.52 9.56
N GLY B 20 15.24 2.31 9.31
CA GLY B 20 13.87 2.09 8.84
C GLY B 20 13.83 1.22 7.62
N LEU B 21 12.90 0.27 7.61
CA LEU B 21 12.72 -0.64 6.49
C LEU B 21 11.81 -0.03 5.47
N ILE B 22 12.25 -0.01 4.22
CA ILE B 22 11.42 0.46 3.11
C ILE B 22 11.32 -0.69 2.11
N PRO B 23 10.16 -1.38 2.07
CA PRO B 23 10.04 -2.53 1.18
C PRO B 23 10.17 -2.17 -0.28
N TYR B 24 9.56 -1.05 -0.67
CA TYR B 24 9.70 -0.52 -2.00
C TYR B 24 9.25 0.92 -1.98
N LEU B 25 9.67 1.68 -2.98
CA LEU B 25 9.55 3.14 -2.94
C LEU B 25 8.11 3.58 -2.93
N GLY B 26 7.27 2.95 -3.74
CA GLY B 26 5.84 3.23 -3.72
C GLY B 26 5.01 2.62 -2.60
N CYS B 27 5.65 1.97 -1.62
CA CYS B 27 4.96 1.37 -0.47
C CYS B 27 4.30 2.40 0.45
N ALA B 28 3.17 2.00 1.03
CA ALA B 28 2.52 2.81 2.06
C ALA B 28 1.99 4.14 1.54
N LEU B 29 1.80 4.22 0.25
CA LEU B 29 1.17 5.37 -0.34
C LEU B 29 -0.20 5.60 0.27
N GLN B 30 -0.89 4.49 0.56
CA GLN B 30 -2.22 4.51 1.24
C GLN B 30 -2.18 5.20 2.59
N PHE B 31 -1.02 5.20 3.22
CA PHE B 31 -0.84 5.84 4.53
C PHE B 31 -0.28 7.26 4.41
N GLY B 32 -0.16 7.75 3.19
CA GLY B 32 0.34 9.10 2.94
C GLY B 32 1.83 9.19 2.65
N ALA B 33 2.48 8.06 2.34
CA ALA B 33 3.88 8.10 1.91
C ALA B 33 3.98 8.92 0.62
N ASN B 34 5.11 9.59 0.43
CA ASN B 34 5.38 10.34 -0.80
C ASN B 34 6.87 10.20 -1.13
N PRO B 35 7.23 9.23 -2.01
CA PRO B 35 8.63 8.87 -2.31
C PRO B 35 9.56 10.04 -2.71
N LEU B 36 9.12 10.90 -3.62
CA LEU B 36 9.91 12.08 -4.03
C LEU B 36 10.27 12.94 -2.81
N GLU B 37 9.25 13.34 -2.07
CA GLU B 37 9.44 14.15 -0.84
C GLU B 37 10.24 13.46 0.24
N PHE B 38 10.11 12.12 0.31
CA PHE B 38 10.89 11.35 1.26
C PHE B 38 12.36 11.45 0.93
N LEU B 39 12.71 11.28 -0.36
CA LEU B 39 14.11 11.42 -0.80
C LEU B 39 14.64 12.89 -0.60
N ARG B 40 13.84 13.89 -0.96
CA ARG B 40 14.17 15.27 -0.65
C ARG B 40 14.38 15.52 0.85
N ALA B 41 13.52 14.96 1.70
CA ALA B 41 13.68 15.14 3.14
C ALA B 41 14.99 14.54 3.63
N ASN B 42 15.39 13.42 3.04
CA ASN B 42 16.70 12.83 3.34
C ASN B 42 17.88 13.68 2.86
N GLN B 43 17.75 14.29 1.70
CA GLN B 43 18.73 15.24 1.21
C GLN B 43 18.94 16.32 2.26
N ARG B 44 17.82 16.96 2.66
CA ARG B 44 17.86 18.03 3.64
C ARG B 44 18.53 17.63 4.95
N LYS B 45 18.17 16.47 5.47
CA LYS B 45 18.68 15.97 6.74
C LYS B 45 20.14 15.52 6.68
N HIS B 46 20.49 14.84 5.60
CA HIS B 46 21.75 14.12 5.54
C HIS B 46 22.73 14.67 4.49
N GLY B 47 22.24 15.53 3.60
CA GLY B 47 23.03 15.95 2.44
C GLY B 47 22.82 15.02 1.27
N HIS B 48 23.72 15.11 0.31
CA HIS B 48 23.55 14.51 -1.00
C HIS B 48 23.91 13.00 -1.12
N VAL B 49 24.40 12.41 -0.04
CA VAL B 49 24.64 10.99 -0.02
C VAL B 49 24.09 10.39 1.30
N PHE B 50 23.12 9.46 1.15
CA PHE B 50 22.51 8.79 2.28
C PHE B 50 22.14 7.36 1.92
N THR B 51 22.07 6.51 2.94
CA THR B 51 21.81 5.11 2.76
C THR B 51 20.46 4.75 3.36
N CYS B 52 19.61 4.11 2.56
CA CYS B 52 18.33 3.53 3.01
C CYS B 52 18.34 2.01 2.92
N LYS B 53 17.59 1.37 3.83
CA LYS B 53 17.31 -0.07 3.76
C LYS B 53 16.05 -0.27 2.88
N LEU B 54 16.32 -0.43 1.57
CA LEU B 54 15.37 -0.42 0.50
C LEU B 54 15.42 -1.73 -0.32
N MET B 55 14.26 -2.35 -0.46
CA MET B 55 14.09 -3.63 -1.16
C MET B 55 15.01 -4.75 -0.65
N GLY B 56 15.18 -4.81 0.65
CA GLY B 56 16.06 -5.79 1.26
C GLY B 56 17.58 -5.51 1.11
N LYS B 57 17.92 -4.35 0.54
CA LYS B 57 19.28 -3.99 0.28
C LYS B 57 19.65 -2.73 1.04
N TYR B 58 20.94 -2.44 1.09
CA TYR B 58 21.46 -1.13 1.47
C TYR B 58 21.73 -0.33 0.20
N VAL B 59 20.95 0.72 0.00
CA VAL B 59 20.95 1.50 -1.21
C VAL B 59 21.45 2.91 -0.89
N HIS B 60 22.60 3.27 -1.45
CA HIS B 60 23.20 4.61 -1.33
C HIS B 60 22.62 5.45 -2.43
N PHE B 61 21.89 6.49 -2.06
CA PHE B 61 21.40 7.47 -2.99
C PHE B 61 22.39 8.61 -3.20
N ILE B 62 22.67 8.90 -4.48
CA ILE B 62 23.52 9.99 -4.90
C ILE B 62 22.61 11.01 -5.58
N THR B 63 22.39 12.12 -4.90
CA THR B 63 21.36 13.08 -5.28
C THR B 63 21.93 14.40 -5.82
N ASN B 64 23.25 14.60 -5.71
CA ASN B 64 23.84 15.84 -6.29
C ASN B 64 24.01 15.63 -7.77
N PRO B 65 23.34 16.45 -8.60
CA PRO B 65 23.51 16.28 -10.10
C PRO B 65 24.94 16.29 -10.64
N LEU B 66 25.84 17.00 -9.98
CA LEU B 66 27.23 17.13 -10.42
C LEU B 66 28.06 15.89 -10.09
N SER B 67 27.48 14.99 -9.29
CA SER B 67 28.13 13.70 -9.00
C SER B 67 27.60 12.54 -9.86
N TYR B 68 26.53 12.79 -10.63
CA TYR B 68 25.92 11.75 -11.46
C TYR B 68 26.96 11.11 -12.38
N HIS B 69 27.78 11.95 -13.02
CA HIS B 69 28.80 11.45 -13.98
C HIS B 69 29.75 10.40 -13.36
N LYS B 70 30.02 10.49 -12.06
CA LYS B 70 30.89 9.52 -11.36
C LYS B 70 30.24 8.14 -11.11
N VAL B 71 28.92 8.09 -11.19
CA VAL B 71 28.21 6.85 -11.01
C VAL B 71 27.89 6.21 -12.36
N LEU B 72 27.76 7.04 -13.39
CA LEU B 72 27.26 6.60 -14.70
C LEU B 72 28.36 6.14 -15.66
N CYS B 73 29.60 6.50 -15.35
CA CYS B 73 30.77 6.03 -16.12
C CYS B 73 30.97 4.53 -15.94
N HIS B 74 31.57 3.88 -16.95
CA HIS B 74 31.86 2.44 -16.91
C HIS B 74 32.88 2.13 -15.80
N GLY B 75 32.38 1.97 -14.57
CA GLY B 75 33.21 1.84 -13.38
C GLY B 75 33.61 0.41 -13.08
N LYS B 76 34.89 0.22 -12.78
CA LYS B 76 35.45 -1.09 -12.44
C LYS B 76 34.87 -1.72 -11.17
N TYR B 77 34.29 -0.89 -10.29
CA TYR B 77 33.68 -1.37 -9.04
C TYR B 77 32.15 -1.67 -9.12
N PHE B 78 31.56 -1.45 -10.29
CA PHE B 78 30.13 -1.58 -10.50
C PHE B 78 29.77 -2.85 -11.25
N ASP B 79 28.73 -3.53 -10.79
CA ASP B 79 28.06 -4.55 -11.57
C ASP B 79 26.70 -3.95 -11.93
N TRP B 80 26.49 -3.68 -13.21
CA TRP B 80 25.25 -2.99 -13.63
C TRP B 80 24.18 -3.94 -14.14
N LYS B 81 24.37 -5.24 -13.95
CA LYS B 81 23.39 -6.22 -14.40
C LYS B 81 22.84 -7.14 -13.31
N LYS B 82 23.61 -7.41 -12.25
CA LYS B 82 23.23 -8.35 -11.17
C LYS B 82 21.83 -8.14 -10.58
N PHE B 83 21.51 -6.90 -10.24
CA PHE B 83 20.24 -6.61 -9.61
C PHE B 83 19.07 -6.81 -10.60
N HIS B 84 19.25 -6.33 -11.83
CA HIS B 84 18.25 -6.40 -12.90
CA HIS B 84 18.17 -6.43 -12.79
C HIS B 84 17.93 -7.87 -13.24
N PHE B 85 18.98 -8.68 -13.39
CA PHE B 85 18.81 -10.09 -13.71
C PHE B 85 17.97 -10.79 -12.65
N ALA B 86 18.32 -10.53 -11.38
CA ALA B 86 17.67 -11.12 -10.23
C ALA B 86 16.22 -10.65 -10.12
N THR B 87 16.01 -9.37 -10.32
CA THR B 87 14.66 -8.78 -10.33
C THR B 87 13.76 -9.33 -11.45
N SER B 88 14.34 -9.51 -12.63
CA SER B 88 13.63 -10.08 -13.79
C SER B 88 13.18 -11.50 -13.50
N ALA B 89 14.12 -12.31 -12.99
CA ALA B 89 13.88 -13.70 -12.62
C ALA B 89 12.73 -13.87 -11.64
N LYS B 90 12.68 -12.98 -10.64
CA LYS B 90 11.59 -12.95 -9.65
C LYS B 90 10.26 -12.52 -10.22
N ALA B 91 10.24 -11.44 -10.98
CA ALA B 91 8.96 -10.82 -11.38
C ALA B 91 8.23 -11.61 -12.50
N PHE B 92 9.02 -12.21 -13.37
CA PHE B 92 8.54 -12.92 -14.56
C PHE B 92 8.51 -14.45 -14.34
N GLY B 93 9.32 -14.93 -13.42
CA GLY B 93 9.34 -16.33 -13.04
C GLY B 93 10.13 -17.21 -13.99
N HIS B 94 11.45 -17.03 -14.03
CA HIS B 94 12.35 -17.91 -14.79
C HIS B 94 13.70 -18.05 -14.09
N ARG B 95 14.50 -19.00 -14.55
CA ARG B 95 15.85 -19.20 -14.02
C ARG B 95 16.78 -18.13 -14.56
N SER B 96 17.89 -17.91 -13.86
CA SER B 96 18.84 -16.83 -14.21
C SER B 96 19.24 -16.80 -15.68
N ILE B 97 19.20 -15.58 -16.25
CA ILE B 97 19.63 -15.32 -17.63
C ILE B 97 21.09 -14.84 -17.63
N ASP B 98 21.65 -14.63 -16.44
CA ASP B 98 23.06 -14.28 -16.30
C ASP B 98 23.90 -15.43 -16.83
N PRO B 99 24.66 -15.21 -17.93
CA PRO B 99 25.47 -16.30 -18.52
C PRO B 99 26.43 -17.02 -17.55
N MET B 100 26.75 -16.36 -16.43
CA MET B 100 27.57 -16.96 -15.39
C MET B 100 26.89 -18.12 -14.68
N ASP B 101 25.55 -18.17 -14.73
CA ASP B 101 24.78 -19.24 -14.08
C ASP B 101 24.43 -20.41 -15.03
N GLY B 102 25.12 -20.50 -16.16
CA GLY B 102 25.07 -21.69 -17.02
C GLY B 102 23.80 -22.00 -17.81
N ASN B 103 22.78 -21.14 -17.74
CA ASN B 103 21.49 -21.41 -18.40
C ASN B 103 21.44 -20.94 -19.84
N THR B 104 22.17 -19.86 -20.14
CA THR B 104 22.39 -19.43 -21.52
C THR B 104 23.82 -18.88 -21.61
N THR B 105 24.35 -18.83 -22.84
CA THR B 105 25.58 -18.10 -23.16
C THR B 105 25.30 -16.81 -23.97
N GLU B 106 24.02 -16.50 -24.19
CA GLU B 106 23.62 -15.30 -24.92
C GLU B 106 23.88 -14.06 -24.07
N ASN B 107 24.31 -12.99 -24.72
CA ASN B 107 24.32 -11.65 -24.10
C ASN B 107 23.08 -10.90 -24.57
N ILE B 108 22.03 -10.87 -23.75
CA ILE B 108 20.73 -10.24 -24.17
C ILE B 108 20.80 -8.74 -24.45
N ASN B 109 21.68 -8.01 -23.75
CA ASN B 109 21.91 -6.60 -24.05
C ASN B 109 22.28 -6.43 -25.52
N ASP B 110 23.23 -7.24 -25.98
CA ASP B 110 23.66 -7.21 -27.37
C ASP B 110 22.52 -7.56 -28.30
N THR B 111 21.68 -8.53 -27.89
CA THR B 111 20.54 -8.95 -28.70
C THR B 111 19.56 -7.79 -28.87
N PHE B 112 19.33 -7.05 -27.78
CA PHE B 112 18.41 -5.89 -27.79
C PHE B 112 18.93 -4.76 -28.68
N ILE B 113 20.19 -4.42 -28.48
CA ILE B 113 20.88 -3.39 -29.27
C ILE B 113 20.88 -3.75 -30.73
N LYS B 114 21.19 -5.01 -31.04
CA LYS B 114 21.25 -5.50 -32.44
C LYS B 114 19.90 -5.50 -33.15
N THR B 115 18.80 -5.64 -32.40
CA THR B 115 17.47 -5.78 -33.02
C THR B 115 16.58 -4.56 -32.78
N LEU B 116 17.04 -3.64 -31.92
CA LEU B 116 16.29 -2.40 -31.66
C LEU B 116 16.96 -1.16 -32.24
N GLN B 117 18.11 -1.35 -32.88
CA GLN B 117 18.85 -0.24 -33.47
C GLN B 117 19.43 -0.65 -34.82
N GLY B 118 20.05 0.31 -35.50
CA GLY B 118 20.62 0.07 -36.82
C GLY B 118 19.56 -0.33 -37.82
N HIS B 119 19.91 -1.29 -38.67
CA HIS B 119 19.04 -1.78 -39.75
C HIS B 119 17.69 -2.25 -39.25
N ALA B 120 17.69 -2.94 -38.11
CA ALA B 120 16.50 -3.47 -37.49
C ALA B 120 15.46 -2.41 -37.10
N LEU B 121 15.95 -1.22 -36.73
CA LEU B 121 15.10 -0.14 -36.29
C LEU B 121 14.22 0.34 -37.44
N ASN B 122 14.76 0.34 -38.67
CA ASN B 122 14.02 0.82 -39.83
C ASN B 122 12.73 0.05 -40.00
N SER B 123 12.84 -1.29 -39.90
CA SER B 123 11.69 -2.20 -40.09
C SER B 123 10.69 -2.10 -38.96
N LEU B 124 11.18 -2.06 -37.72
CA LEU B 124 10.30 -1.84 -36.56
C LEU B 124 9.46 -0.59 -36.73
N THR B 125 10.13 0.50 -37.13
CA THR B 125 9.51 1.82 -37.23
C THR B 125 8.42 1.82 -38.27
N GLU B 126 8.73 1.22 -39.43
CA GLU B 126 7.81 1.06 -40.54
C GLU B 126 6.58 0.26 -40.14
N SER B 127 6.84 -0.88 -39.52
CA SER B 127 5.76 -1.76 -39.06
C SER B 127 4.82 -1.04 -38.06
N MET B 128 5.40 -0.32 -37.10
CA MET B 128 4.61 0.43 -36.09
C MET B 128 3.70 1.43 -36.79
N MET B 129 4.24 2.15 -37.77
CA MET B 129 3.48 3.17 -38.47
C MET B 129 2.32 2.52 -39.27
N GLU B 130 2.58 1.35 -39.86
CA GLU B 130 1.54 0.57 -40.56
C GLU B 130 0.46 0.10 -39.56
N ASN B 131 0.91 -0.49 -38.46
CA ASN B 131 0.02 -1.02 -37.45
C ASN B 131 -0.80 0.08 -36.80
N LEU B 132 -0.18 1.25 -36.57
CA LEU B 132 -0.88 2.38 -35.93
C LEU B 132 -2.00 2.88 -36.81
N GLN B 133 -1.72 2.91 -38.11
CA GLN B 133 -2.68 3.41 -39.09
C GLN B 133 -3.86 2.46 -39.28
N ARG B 134 -3.57 1.16 -39.34
CA ARG B 134 -4.63 0.13 -39.38
C ARG B 134 -5.57 0.24 -38.19
N ILE B 135 -5.03 0.56 -37.00
CA ILE B 135 -5.84 0.66 -35.77
C ILE B 135 -6.62 1.96 -35.70
N MET B 136 -5.97 3.07 -36.08
CA MET B 136 -6.53 4.40 -35.80
C MET B 136 -7.59 4.87 -36.81
N ARG B 137 -7.59 4.29 -38.01
CA ARG B 137 -8.56 4.65 -39.05
C ARG B 137 -9.96 4.15 -38.74
N ALA B 147 -19.64 11.25 -38.89
CA ALA B 147 -18.49 11.55 -38.04
C ALA B 147 -18.92 12.24 -36.74
N ALA B 148 -19.07 11.45 -35.68
CA ALA B 148 -19.50 11.95 -34.38
C ALA B 148 -18.28 12.22 -33.47
N TRP B 149 -18.51 13.04 -32.44
CA TRP B 149 -17.56 13.16 -31.33
C TRP B 149 -17.68 11.94 -30.43
N VAL B 150 -16.56 11.26 -30.20
CA VAL B 150 -16.49 10.17 -29.24
C VAL B 150 -15.77 10.67 -27.98
N THR B 151 -16.39 10.46 -26.81
CA THR B 151 -15.76 10.78 -25.51
C THR B 151 -15.22 9.50 -24.90
N GLU B 152 -14.03 9.59 -24.31
CA GLU B 152 -13.33 8.45 -23.73
C GLU B 152 -12.26 8.92 -22.75
N GLY B 153 -11.85 8.04 -21.84
CA GLY B 153 -10.71 8.32 -20.99
C GLY B 153 -9.45 8.32 -21.85
N MET B 154 -8.64 9.38 -21.74
CA MET B 154 -7.48 9.53 -22.59
C MET B 154 -6.42 8.43 -22.32
N TYR B 155 -6.20 8.07 -21.07
CA TYR B 155 -5.26 7.02 -20.71
C TYR B 155 -5.73 5.71 -21.23
N SER B 156 -7.02 5.45 -21.08
CA SER B 156 -7.62 4.22 -21.60
C SER B 156 -7.51 4.10 -23.14
N PHE B 157 -7.71 5.22 -23.83
CA PHE B 157 -7.51 5.30 -25.27
C PHE B 157 -6.06 5.05 -25.69
N CYS B 158 -5.14 5.75 -25.07
CA CYS B 158 -3.70 5.54 -25.37
C CYS B 158 -3.28 4.11 -25.12
N TYR B 159 -3.83 3.51 -24.05
CA TYR B 159 -3.56 2.10 -23.69
C TYR B 159 -4.04 1.11 -24.76
N ARG B 160 -5.31 1.22 -25.19
CA ARG B 160 -5.87 0.38 -26.26
C ARG B 160 -5.02 0.46 -27.53
N VAL B 161 -4.78 1.68 -27.97
CA VAL B 161 -4.17 1.89 -29.25
C VAL B 161 -2.69 1.49 -29.21
N MET B 162 -1.94 1.98 -28.24
CA MET B 162 -0.51 1.70 -28.18
C MET B 162 -0.21 0.25 -27.84
N PHE B 163 -0.99 -0.34 -26.94
CA PHE B 163 -0.78 -1.73 -26.63
C PHE B 163 -0.95 -2.61 -27.87
N GLU B 164 -2.05 -2.42 -28.59
CA GLU B 164 -2.29 -3.24 -29.78
C GLU B 164 -1.26 -2.97 -30.86
N ALA B 165 -0.96 -1.71 -31.11
CA ALA B 165 0.00 -1.36 -32.15
C ALA B 165 1.36 -1.97 -31.81
N GLY B 166 1.76 -1.86 -30.55
CA GLY B 166 3.06 -2.36 -30.10
C GLY B 166 3.16 -3.87 -30.03
N TYR B 167 2.08 -4.51 -29.58
CA TYR B 167 2.00 -5.98 -29.51
C TYR B 167 2.14 -6.55 -30.94
N LEU B 168 1.38 -5.99 -31.87
CA LEU B 168 1.42 -6.46 -33.25
C LEU B 168 2.78 -6.21 -33.89
N THR B 169 3.44 -5.10 -33.53
CA THR B 169 4.73 -4.74 -34.14
C THR B 169 5.83 -5.68 -33.65
N ILE B 170 5.77 -6.04 -32.38
CA ILE B 170 6.79 -6.85 -31.77
C ILE B 170 6.54 -8.34 -31.95
N PHE B 171 5.30 -8.77 -31.80
CA PHE B 171 4.96 -10.20 -31.80
C PHE B 171 4.24 -10.68 -33.09
N GLY B 172 4.00 -9.77 -34.03
CA GLY B 172 3.38 -10.12 -35.29
C GLY B 172 1.87 -10.29 -35.19
N ARG B 173 1.27 -10.75 -36.29
CA ARG B 173 -0.15 -11.02 -36.36
C ARG B 173 -0.40 -12.49 -36.72
N ASP B 174 -1.39 -13.10 -36.09
CA ASP B 174 -1.87 -14.42 -36.55
C ASP B 174 -2.91 -14.16 -37.64
N LEU B 175 -2.54 -14.47 -38.89
CA LEU B 175 -3.40 -14.23 -40.04
C LEU B 175 -4.22 -15.47 -40.40
N THR B 176 -4.06 -16.54 -39.64
CA THR B 176 -4.98 -17.68 -39.70
C THR B 176 -6.36 -17.25 -39.23
N ARG B 177 -6.37 -16.38 -38.23
CA ARG B 177 -7.55 -16.07 -37.48
C ARG B 177 -7.78 -14.57 -37.43
N ARG B 178 -7.94 -13.94 -38.57
CA ARG B 178 -8.14 -12.48 -38.60
C ARG B 178 -9.40 -12.03 -37.86
N ASP B 179 -10.47 -12.84 -37.97
CA ASP B 179 -11.79 -12.45 -37.44
C ASP B 179 -11.86 -12.51 -35.89
N THR B 180 -10.88 -13.14 -35.25
CA THR B 180 -10.82 -13.21 -33.81
C THR B 180 -9.58 -12.50 -33.22
N GLN B 181 -8.90 -11.70 -34.05
CA GLN B 181 -7.70 -10.97 -33.62
C GLN B 181 -8.06 -9.93 -32.58
N LYS B 182 -9.17 -9.21 -32.78
CA LYS B 182 -9.65 -8.21 -31.80
C LYS B 182 -9.86 -8.84 -30.41
N ALA B 183 -10.28 -10.11 -30.38
CA ALA B 183 -10.52 -10.82 -29.13
C ALA B 183 -9.23 -11.27 -28.45
N HIS B 184 -8.29 -11.79 -29.23
CA HIS B 184 -6.95 -12.14 -28.72
C HIS B 184 -6.28 -10.90 -28.11
N ILE B 185 -6.31 -9.78 -28.83
CA ILE B 185 -5.64 -8.57 -28.38
C ILE B 185 -6.25 -8.05 -27.10
N LEU B 186 -7.58 -8.02 -27.04
CA LEU B 186 -8.31 -7.61 -25.84
C LEU B 186 -8.00 -8.45 -24.60
N ASN B 187 -7.93 -9.78 -24.75
CA ASN B 187 -7.52 -10.66 -23.65
C ASN B 187 -6.12 -10.34 -23.16
N ASN B 188 -5.17 -10.18 -24.07
CA ASN B 188 -3.76 -9.82 -23.73
C ASN B 188 -3.69 -8.47 -23.09
N LEU B 189 -4.41 -7.52 -23.62
CA LEU B 189 -4.48 -6.20 -23.03
C LEU B 189 -4.94 -6.26 -21.59
N ASP B 190 -6.03 -6.99 -21.34
CA ASP B 190 -6.55 -7.09 -20.00
C ASP B 190 -5.59 -7.85 -19.11
N ASN B 191 -5.04 -8.94 -19.60
CA ASN B 191 -4.07 -9.69 -18.84
C ASN B 191 -2.81 -8.87 -18.54
N PHE B 192 -2.36 -8.07 -19.50
CA PHE B 192 -1.17 -7.25 -19.28
C PHE B 192 -1.41 -6.24 -18.13
N LYS B 193 -2.54 -5.56 -18.15
CA LYS B 193 -2.93 -4.61 -17.13
C LYS B 193 -2.85 -5.17 -15.71
N GLN B 194 -3.41 -6.39 -15.56
CA GLN B 194 -3.49 -7.07 -14.29
C GLN B 194 -2.12 -7.52 -13.78
N PHE B 195 -1.26 -7.94 -14.68
CA PHE B 195 0.12 -8.33 -14.32
C PHE B 195 0.96 -7.11 -13.97
N ASP B 196 0.88 -6.07 -14.82
CA ASP B 196 1.65 -4.86 -14.66
C ASP B 196 1.24 -4.10 -13.35
N LYS B 197 -0.05 -4.13 -13.01
CA LYS B 197 -0.55 -3.46 -11.81
C LYS B 197 0.25 -3.80 -10.54
N VAL B 198 0.66 -5.06 -10.42
CA VAL B 198 1.30 -5.62 -9.22
CA VAL B 198 1.28 -5.60 -9.21
C VAL B 198 2.82 -5.58 -9.30
N PHE B 199 3.33 -5.13 -10.42
CA PHE B 199 4.78 -5.16 -10.69
C PHE B 199 5.73 -4.47 -9.65
N PRO B 200 5.31 -3.32 -9.06
CA PRO B 200 6.14 -2.70 -8.03
C PRO B 200 6.37 -3.61 -6.81
N ALA B 201 5.34 -4.40 -6.47
CA ALA B 201 5.44 -5.43 -5.41
C ALA B 201 6.38 -6.57 -5.79
N LEU B 202 6.31 -7.04 -7.04
CA LEU B 202 7.07 -8.20 -7.46
C LEU B 202 8.57 -7.95 -7.42
N VAL B 203 8.95 -6.78 -7.92
CA VAL B 203 10.34 -6.35 -7.93
C VAL B 203 10.88 -6.25 -6.51
N ALA B 204 10.01 -5.90 -5.58
CA ALA B 204 10.37 -5.82 -4.14
C ALA B 204 10.45 -7.20 -3.41
N GLY B 205 10.04 -8.28 -4.08
CA GLY B 205 10.13 -9.61 -3.47
C GLY B 205 8.85 -10.13 -2.90
N LEU B 206 7.76 -9.36 -3.03
CA LEU B 206 6.45 -9.87 -2.65
C LEU B 206 6.08 -10.97 -3.64
N PRO B 207 5.49 -12.07 -3.13
CA PRO B 207 5.20 -13.26 -3.97
C PRO B 207 4.03 -13.01 -4.91
N ILE B 208 4.14 -13.44 -6.17
CA ILE B 208 3.06 -13.17 -7.14
C ILE B 208 1.74 -13.85 -6.75
N HIS B 209 1.82 -14.99 -6.08
CA HIS B 209 0.62 -15.73 -5.67
C HIS B 209 -0.16 -15.03 -4.54
N MET B 210 0.37 -13.92 -4.03
CA MET B 210 -0.35 -13.05 -3.13
C MET B 210 -1.31 -12.21 -3.96
N PHE B 211 -1.19 -12.28 -5.29
CA PHE B 211 -2.03 -11.53 -6.21
C PHE B 211 -2.62 -12.50 -7.25
N ARG B 212 -3.59 -13.30 -6.81
CA ARG B 212 -4.16 -14.40 -7.60
C ARG B 212 -4.51 -14.02 -9.04
N THR B 213 -5.19 -12.90 -9.21
CA THR B 213 -5.57 -12.42 -10.52
C THR B 213 -4.36 -12.06 -11.41
N ALA B 214 -3.35 -11.45 -10.80
CA ALA B 214 -2.18 -11.01 -11.56
C ALA B 214 -1.36 -12.22 -11.92
N HIS B 215 -1.32 -13.20 -11.04
CA HIS B 215 -0.57 -14.42 -11.26
C HIS B 215 -1.12 -15.26 -12.45
N ASN B 216 -2.45 -15.40 -12.49
CA ASN B 216 -3.10 -16.07 -13.60
C ASN B 216 -2.90 -15.31 -14.89
N ALA B 217 -3.06 -13.98 -14.82
CA ALA B 217 -2.78 -13.07 -15.93
C ALA B 217 -1.34 -13.25 -16.47
N ARG B 218 -0.36 -13.22 -15.59
CA ARG B 218 1.03 -13.43 -16.02
C ARG B 218 1.21 -14.73 -16.76
N GLU B 219 0.53 -15.75 -16.29
CA GLU B 219 0.78 -17.09 -16.82
C GLU B 219 0.00 -17.30 -18.12
N LYS B 220 -1.18 -16.71 -18.23
CA LYS B 220 -1.88 -16.68 -19.50
C LYS B 220 -1.13 -15.88 -20.56
N LEU B 221 -0.48 -14.76 -20.18
CA LEU B 221 0.38 -14.04 -21.16
C LEU B 221 1.54 -14.94 -21.58
N ALA B 222 2.20 -15.58 -20.63
CA ALA B 222 3.32 -16.45 -20.96
C ALA B 222 2.91 -17.58 -21.94
N GLU B 223 1.75 -18.17 -21.68
CA GLU B 223 1.21 -19.24 -22.54
C GLU B 223 1.13 -18.80 -23.99
N SER B 224 0.62 -17.59 -24.22
CA SER B 224 0.48 -17.02 -25.57
C SER B 224 1.82 -16.68 -26.28
N LEU B 225 2.94 -16.70 -25.52
CA LEU B 225 4.24 -16.36 -26.04
C LEU B 225 5.17 -17.56 -26.01
N ARG B 226 4.60 -18.78 -25.89
CA ARG B 226 5.37 -19.98 -26.10
C ARG B 226 5.79 -20.01 -27.53
N HIS B 227 6.93 -20.63 -27.80
CA HIS B 227 7.41 -20.71 -29.19
C HIS B 227 6.39 -21.37 -30.11
N GLU B 228 5.71 -22.41 -29.63
CA GLU B 228 4.67 -23.09 -30.43
C GLU B 228 3.61 -22.11 -30.89
N ASN B 229 3.27 -21.12 -30.06
CA ASN B 229 2.26 -20.11 -30.45
C ASN B 229 2.82 -18.92 -31.23
N LEU B 230 4.09 -18.58 -31.00
CA LEU B 230 4.72 -17.50 -31.76
C LEU B 230 5.01 -17.93 -33.20
N GLN B 231 5.39 -19.21 -33.38
CA GLN B 231 5.58 -19.82 -34.72
C GLN B 231 4.40 -19.67 -35.69
N LYS B 232 3.19 -19.57 -35.16
CA LYS B 232 1.99 -19.36 -35.97
C LYS B 232 1.83 -17.93 -36.48
N ARG B 233 2.68 -17.02 -36.00
CA ARG B 233 2.49 -15.59 -36.25
C ARG B 233 3.40 -15.13 -37.38
N GLU B 234 2.97 -14.11 -38.11
CA GLU B 234 3.80 -13.52 -39.16
C GLU B 234 4.07 -12.02 -38.95
N SER B 235 5.11 -11.55 -39.64
CA SER B 235 5.70 -10.21 -39.46
C SER B 235 6.05 -9.96 -37.99
N ILE B 236 6.76 -10.95 -37.43
CA ILE B 236 7.36 -10.88 -36.13
C ILE B 236 8.62 -10.02 -36.25
N SER B 237 8.93 -9.32 -35.17
CA SER B 237 10.08 -8.46 -35.12
C SER B 237 11.35 -9.28 -35.20
N GLU B 238 12.39 -8.71 -35.80
CA GLU B 238 13.70 -9.37 -35.79
CA GLU B 238 13.70 -9.34 -35.80
C GLU B 238 14.09 -9.63 -34.36
N LEU B 239 13.69 -8.74 -33.43
CA LEU B 239 13.97 -8.93 -31.99
C LEU B 239 13.46 -10.29 -31.48
N ILE B 240 12.17 -10.52 -31.65
CA ILE B 240 11.55 -11.76 -31.18
C ILE B 240 12.06 -13.02 -31.95
N SER B 241 12.21 -12.89 -33.28
CA SER B 241 12.78 -13.98 -34.11
C SER B 241 14.16 -14.36 -33.68
N LEU B 242 14.99 -13.37 -33.42
CA LEU B 242 16.36 -13.66 -33.03
C LEU B 242 16.35 -14.23 -31.62
N ARG B 243 15.51 -13.68 -30.76
CA ARG B 243 15.39 -14.19 -29.38
C ARG B 243 14.82 -15.61 -29.31
N MET B 244 13.88 -15.96 -30.17
CA MET B 244 13.47 -17.38 -30.31
C MET B 244 14.66 -18.27 -30.73
N PHE B 245 15.38 -17.82 -31.75
CA PHE B 245 16.56 -18.55 -32.25
C PHE B 245 17.59 -18.82 -31.15
N LEU B 246 17.96 -17.79 -30.40
CA LEU B 246 18.99 -17.91 -29.37
C LEU B 246 18.49 -18.61 -28.11
N ASN B 247 17.19 -18.60 -27.89
CA ASN B 247 16.58 -19.46 -26.85
C ASN B 247 16.90 -20.94 -27.19
N ASP B 248 16.66 -21.27 -28.46
CA ASP B 248 16.72 -22.65 -28.93
C ASP B 248 18.14 -23.14 -29.06
N THR B 249 19.05 -22.26 -29.49
CA THR B 249 20.44 -22.66 -29.78
C THR B 249 21.40 -22.33 -28.67
N LEU B 250 21.15 -21.26 -27.90
CA LEU B 250 22.11 -20.84 -26.86
C LEU B 250 21.72 -21.17 -25.42
N SER B 251 20.51 -21.68 -25.17
CA SER B 251 20.06 -21.93 -23.79
C SER B 251 19.61 -23.37 -23.55
N THR B 252 19.54 -23.73 -22.26
CA THR B 252 18.88 -24.94 -21.79
C THR B 252 17.59 -24.57 -20.99
N PHE B 253 16.92 -23.47 -21.39
CA PHE B 253 15.64 -23.06 -20.79
C PHE B 253 14.52 -23.99 -21.22
N ASP B 254 13.56 -24.26 -20.33
CA ASP B 254 12.40 -25.08 -20.72
C ASP B 254 11.47 -24.27 -21.60
N ASP B 255 10.35 -24.87 -22.02
CA ASP B 255 9.40 -24.19 -22.92
C ASP B 255 8.69 -22.98 -22.27
N LEU B 256 8.39 -23.07 -20.98
CA LEU B 256 7.73 -21.99 -20.27
C LEU B 256 8.70 -20.80 -20.05
N GLU B 257 9.96 -21.11 -19.68
CA GLU B 257 10.99 -20.09 -19.46
C GLU B 257 11.29 -19.35 -20.72
N LYS B 258 11.34 -20.06 -21.82
CA LYS B 258 11.43 -19.43 -23.11
C LYS B 258 10.27 -18.43 -23.33
N ALA B 259 9.06 -18.83 -22.94
CA ALA B 259 7.90 -17.91 -23.06
C ALA B 259 8.09 -16.67 -22.15
N LYS B 260 8.59 -16.90 -20.95
CA LYS B 260 8.76 -15.82 -19.96
C LYS B 260 9.84 -14.77 -20.40
N THR B 261 10.89 -15.22 -21.09
CA THR B 261 11.87 -14.31 -21.70
C THR B 261 11.22 -13.41 -22.75
N HIS B 262 10.21 -13.89 -23.44
CA HIS B 262 9.47 -13.05 -24.36
C HIS B 262 8.50 -12.13 -23.61
N LEU B 263 8.01 -12.58 -22.45
CA LEU B 263 7.14 -11.75 -21.63
C LEU B 263 7.90 -10.52 -21.09
N VAL B 264 9.18 -10.69 -20.78
CA VAL B 264 10.08 -9.62 -20.38
C VAL B 264 10.07 -8.46 -21.39
N VAL B 265 10.17 -8.83 -22.66
CA VAL B 265 10.18 -7.90 -23.75
C VAL B 265 8.82 -7.24 -23.97
N LEU B 266 7.74 -8.01 -23.84
CA LEU B 266 6.38 -7.42 -23.88
C LEU B 266 6.29 -6.32 -22.82
N TRP B 267 6.73 -6.64 -21.60
CA TRP B 267 6.61 -5.71 -20.50
C TRP B 267 7.45 -4.43 -20.79
N ALA B 268 8.75 -4.62 -21.04
CA ALA B 268 9.69 -3.49 -21.34
C ALA B 268 9.20 -2.64 -22.50
N SER B 269 8.56 -3.27 -23.49
CA SER B 269 8.07 -2.53 -24.68
C SER B 269 6.79 -1.74 -24.41
N GLN B 270 6.10 -2.05 -23.31
CA GLN B 270 4.76 -1.51 -23.06
C GLN B 270 4.66 -0.58 -21.85
N ALA B 271 5.33 -0.94 -20.76
CA ALA B 271 5.03 -0.37 -19.45
C ALA B 271 5.36 1.12 -19.33
N ASN B 272 6.34 1.59 -20.10
CA ASN B 272 6.69 3.03 -20.13
C ASN B 272 6.12 3.73 -21.30
N THR B 273 5.94 3.01 -22.41
CA THR B 273 5.48 3.62 -23.64
C THR B 273 4.05 4.10 -23.50
N ILE B 274 3.25 3.34 -22.75
CA ILE B 274 1.85 3.67 -22.63
C ILE B 274 1.69 4.98 -21.85
N PRO B 275 2.23 5.06 -20.60
CA PRO B 275 2.14 6.35 -19.91
C PRO B 275 2.87 7.54 -20.58
N ALA B 276 3.97 7.27 -21.27
CA ALA B 276 4.72 8.30 -22.00
C ALA B 276 3.85 8.96 -23.07
N THR B 277 3.05 8.13 -23.73
CA THR B 277 2.17 8.55 -24.80
C THR B 277 1.03 9.37 -24.25
N PHE B 278 0.46 8.92 -23.14
CA PHE B 278 -0.59 9.65 -22.50
C PHE B 278 -0.16 11.05 -22.12
N TRP B 279 0.96 11.15 -21.42
CA TRP B 279 1.46 12.45 -20.98
C TRP B 279 1.77 13.38 -22.16
N SER B 280 2.43 12.85 -23.19
CA SER B 280 2.72 13.60 -24.40
C SER B 280 1.46 14.11 -25.11
N LEU B 281 0.45 13.25 -25.28
CA LEU B 281 -0.82 13.69 -25.88
C LEU B 281 -1.52 14.75 -25.01
N PHE B 282 -1.72 14.44 -23.73
CA PHE B 282 -2.40 15.32 -22.77
C PHE B 282 -1.76 16.69 -22.65
N GLN B 283 -0.45 16.69 -22.47
CA GLN B 283 0.29 17.92 -22.32
C GLN B 283 0.18 18.77 -23.58
N MET B 284 0.18 18.11 -24.74
CA MET B 284 0.09 18.79 -26.00
C MET B 284 -1.29 19.41 -26.25
N ILE B 285 -2.35 18.68 -25.94
CA ILE B 285 -3.74 19.18 -26.14
C ILE B 285 -4.07 20.29 -25.13
N ARG B 286 -3.61 20.12 -23.91
CA ARG B 286 -3.91 20.99 -22.78
C ARG B 286 -3.25 22.36 -22.89
N ASN B 287 -2.12 22.43 -23.59
CA ASN B 287 -1.37 23.67 -23.78
C ASN B 287 -1.49 24.12 -25.25
N PRO B 288 -2.33 25.14 -25.53
CA PRO B 288 -2.66 25.56 -26.91
C PRO B 288 -1.44 25.93 -27.79
N GLU B 289 -0.48 26.61 -27.20
CA GLU B 289 0.76 26.97 -27.92
C GLU B 289 1.50 25.67 -28.37
N ALA B 290 1.38 24.60 -27.59
CA ALA B 290 1.97 23.29 -27.95
C ALA B 290 1.22 22.64 -29.09
N MET B 291 -0.10 22.68 -29.04
CA MET B 291 -0.95 22.16 -30.09
C MET B 291 -0.67 22.87 -31.42
N LYS B 292 -0.60 24.19 -31.38
CA LYS B 292 -0.35 25.02 -32.55
C LYS B 292 1.01 24.67 -33.15
N ALA B 293 2.07 24.73 -32.34
CA ALA B 293 3.42 24.41 -32.78
C ALA B 293 3.52 22.99 -33.33
N ALA B 294 2.84 22.03 -32.69
CA ALA B 294 2.92 20.62 -33.14
C ALA B 294 2.16 20.41 -34.45
N THR B 295 0.95 20.96 -34.52
CA THR B 295 0.16 20.95 -35.75
C THR B 295 0.96 21.55 -36.94
N GLU B 296 1.50 22.75 -36.76
CA GLU B 296 2.24 23.41 -37.84
C GLU B 296 3.41 22.55 -38.31
N GLU B 297 4.20 22.01 -37.37
CA GLU B 297 5.40 21.20 -37.70
C GLU B 297 5.04 19.91 -38.46
N VAL B 298 4.00 19.25 -37.99
CA VAL B 298 3.58 17.99 -38.58
C VAL B 298 3.16 18.20 -40.04
N LYS B 299 2.32 19.22 -40.26
CA LYS B 299 1.83 19.56 -41.61
C LYS B 299 2.92 19.90 -42.60
N ARG B 300 3.85 20.74 -42.17
CA ARG B 300 5.05 21.05 -42.92
C ARG B 300 5.70 19.74 -43.41
N THR B 301 5.98 18.84 -42.45
CA THR B 301 6.72 17.58 -42.70
C THR B 301 5.98 16.63 -43.61
N LEU B 302 4.65 16.53 -43.45
CA LEU B 302 3.85 15.68 -44.32
C LEU B 302 3.83 16.26 -45.73
N GLU B 303 3.57 17.57 -45.81
CA GLU B 303 3.46 18.30 -47.07
C GLU B 303 4.63 18.01 -47.97
N ASN B 304 5.83 18.25 -47.46
CA ASN B 304 7.00 18.20 -48.30
C ASN B 304 7.76 16.87 -48.24
N ALA B 305 7.22 15.90 -47.49
CA ALA B 305 7.55 14.49 -47.71
C ALA B 305 6.59 13.95 -48.74
N GLY B 306 5.68 14.80 -49.22
CA GLY B 306 4.68 14.45 -50.22
C GLY B 306 3.65 13.44 -49.73
N GLN B 307 3.39 13.46 -48.43
CA GLN B 307 2.49 12.49 -47.80
C GLN B 307 1.18 13.16 -47.52
N LYS B 308 0.13 12.69 -48.18
CA LYS B 308 -1.23 13.16 -47.93
C LYS B 308 -1.87 12.31 -46.82
N VAL B 309 -2.71 12.95 -46.00
CA VAL B 309 -3.40 12.26 -44.90
C VAL B 309 -4.86 12.07 -45.28
N SER B 310 -5.29 10.80 -45.38
CA SER B 310 -6.72 10.46 -45.55
C SER B 310 -7.01 9.15 -44.83
N LEU B 311 -8.24 9.01 -44.35
CA LEU B 311 -8.65 7.81 -43.64
C LEU B 311 -8.83 6.68 -44.64
N GLU B 312 -9.56 6.97 -45.71
CA GLU B 312 -9.85 5.99 -46.75
C GLU B 312 -8.78 5.93 -47.88
N GLY B 313 -7.54 6.31 -47.56
CA GLY B 313 -6.48 6.46 -48.57
C GLY B 313 -5.34 5.46 -48.42
N ASN B 314 -4.14 5.88 -48.84
CA ASN B 314 -2.92 5.05 -48.77
C ASN B 314 -2.11 5.40 -47.52
N PRO B 315 -1.35 4.40 -46.97
CA PRO B 315 -0.51 4.63 -45.79
C PRO B 315 0.53 5.78 -45.92
N ILE B 316 0.64 6.60 -44.88
CA ILE B 316 1.72 7.58 -44.74
C ILE B 316 3.05 6.86 -44.51
N CYS B 317 4.10 7.32 -45.21
CA CYS B 317 5.45 6.76 -45.06
CA CYS B 317 5.45 6.77 -45.01
C CYS B 317 6.42 7.89 -44.76
N LEU B 318 7.18 7.76 -43.68
CA LEU B 318 8.17 8.76 -43.32
C LEU B 318 9.49 8.08 -43.10
N SER B 319 10.54 8.72 -43.56
CA SER B 319 11.88 8.23 -43.37
C SER B 319 12.31 8.42 -41.93
N GLN B 320 13.45 7.81 -41.59
CA GLN B 320 14.03 7.89 -40.24
C GLN B 320 14.48 9.29 -39.94
N ALA B 321 14.92 9.98 -40.99
CA ALA B 321 15.43 11.34 -40.89
C ALA B 321 14.30 12.34 -40.73
N GLU B 322 13.22 12.16 -41.50
CA GLU B 322 12.01 12.99 -41.38
C GLU B 322 11.33 12.89 -39.99
N LEU B 323 11.32 11.67 -39.45
CA LEU B 323 10.77 11.37 -38.14
C LEU B 323 11.64 11.96 -37.07
N ASN B 324 12.95 11.82 -37.25
CA ASN B 324 13.92 12.33 -36.29
C ASN B 324 13.97 13.85 -36.21
N ASP B 325 13.86 14.51 -37.36
CA ASP B 325 13.95 15.98 -37.45
C ASP B 325 12.56 16.61 -37.20
N LEU B 326 12.04 16.37 -35.99
CA LEU B 326 10.78 16.94 -35.49
C LEU B 326 11.03 17.51 -34.09
N PRO B 327 11.71 18.67 -34.00
CA PRO B 327 12.12 19.21 -32.70
C PRO B 327 11.00 19.62 -31.77
N VAL B 328 9.90 20.14 -32.30
CA VAL B 328 8.75 20.51 -31.52
C VAL B 328 8.19 19.28 -30.85
N LEU B 329 7.94 18.23 -31.64
CA LEU B 329 7.43 16.96 -31.10
C LEU B 329 8.41 16.36 -30.11
N ASP B 330 9.71 16.38 -30.44
CA ASP B 330 10.77 15.90 -29.54
C ASP B 330 10.80 16.62 -28.21
N SER B 331 10.58 17.94 -28.24
CA SER B 331 10.59 18.76 -27.02
C SER B 331 9.35 18.50 -26.19
N ILE B 332 8.21 18.37 -26.85
CA ILE B 332 6.96 18.03 -26.19
C ILE B 332 7.11 16.67 -25.50
N ILE B 333 7.67 15.69 -26.20
CA ILE B 333 7.88 14.35 -25.57
C ILE B 333 8.88 14.45 -24.44
N LYS B 334 10.01 15.12 -24.66
CA LYS B 334 11.02 15.24 -23.55
C LYS B 334 10.46 15.93 -22.31
N GLU B 335 9.69 16.96 -22.53
CA GLU B 335 9.14 17.76 -21.41
C GLU B 335 8.08 16.97 -20.64
N SER B 336 7.31 16.16 -21.36
CA SER B 336 6.34 15.26 -20.77
C SER B 336 6.98 14.22 -19.88
N LEU B 337 8.12 13.67 -20.32
CA LEU B 337 8.88 12.70 -19.52
C LEU B 337 9.68 13.34 -18.43
N ARG B 338 10.19 14.55 -18.65
CA ARG B 338 10.83 15.30 -17.55
C ARG B 338 9.90 15.32 -16.31
N LEU B 339 8.62 15.54 -16.57
CA LEU B 339 7.61 15.70 -15.56
C LEU B 339 7.07 14.39 -14.99
N SER B 340 7.13 13.29 -15.74
CA SER B 340 6.54 12.00 -15.29
C SER B 340 7.57 10.86 -14.97
N SER B 341 8.83 11.01 -15.35
CA SER B 341 9.81 9.95 -15.20
C SER B 341 10.21 9.77 -13.75
N ALA B 342 10.20 8.50 -13.27
CA ALA B 342 10.55 8.11 -11.90
C ALA B 342 11.32 6.75 -11.84
N SER B 343 12.42 6.65 -12.56
CA SER B 343 13.30 5.49 -12.50
C SER B 343 14.29 5.51 -11.31
N LEU B 344 14.52 4.33 -10.79
CA LEU B 344 15.66 4.09 -9.89
C LEU B 344 16.75 3.55 -10.75
N ASN B 345 17.83 4.31 -10.89
CA ASN B 345 18.98 3.93 -11.69
C ASN B 345 19.98 3.22 -10.77
N ILE B 346 20.18 1.91 -10.98
CA ILE B 346 20.90 1.06 -10.04
C ILE B 346 22.20 0.41 -10.58
N ARG B 347 23.17 0.23 -9.68
CA ARG B 347 24.27 -0.73 -9.91
C ARG B 347 24.71 -1.29 -8.57
N THR B 348 25.34 -2.46 -8.57
CA THR B 348 25.78 -3.11 -7.34
C THR B 348 27.30 -3.00 -7.18
N ALA B 349 27.77 -2.71 -5.96
CA ALA B 349 29.19 -2.72 -5.65
C ALA B 349 29.77 -4.13 -5.75
N LYS B 350 30.71 -4.31 -6.68
CA LYS B 350 31.41 -5.61 -6.85
C LYS B 350 32.28 -5.95 -5.63
N GLU B 351 32.65 -4.94 -4.85
CA GLU B 351 33.51 -5.15 -3.67
C GLU B 351 33.47 -3.91 -2.81
N ASP B 352 34.02 -3.99 -1.61
CA ASP B 352 34.29 -2.78 -0.80
C ASP B 352 35.16 -1.78 -1.58
N PHE B 353 34.79 -0.50 -1.54
CA PHE B 353 35.56 0.52 -2.24
C PHE B 353 35.17 1.90 -1.79
N THR B 354 36.00 2.88 -2.14
CA THR B 354 35.70 4.25 -1.80
C THR B 354 35.23 4.97 -3.04
N LEU B 355 34.04 5.56 -2.96
CA LEU B 355 33.44 6.33 -4.05
C LEU B 355 33.78 7.81 -3.90
N HIS B 356 34.44 8.38 -4.90
CA HIS B 356 34.87 9.78 -4.86
C HIS B 356 33.93 10.65 -5.65
N LEU B 357 33.22 11.54 -4.96
CA LEU B 357 32.26 12.43 -5.59
C LEU B 357 32.70 13.87 -5.36
N GLU B 358 32.03 14.80 -6.06
CA GLU B 358 32.17 16.23 -5.79
C GLU B 358 31.89 16.47 -4.30
N ASP B 359 30.90 15.76 -3.75
CA ASP B 359 30.44 15.89 -2.34
C ASP B 359 31.42 15.42 -1.28
N GLY B 360 32.43 14.64 -1.68
CA GLY B 360 33.32 13.99 -0.75
C GLY B 360 33.56 12.55 -1.15
N SER B 361 34.06 11.77 -0.21
CA SER B 361 34.41 10.38 -0.44
C SER B 361 33.67 9.48 0.54
N TYR B 362 33.13 8.37 0.04
CA TYR B 362 32.28 7.49 0.84
C TYR B 362 32.66 6.01 0.64
N ASN B 363 32.87 5.31 1.74
CA ASN B 363 33.07 3.87 1.71
C ASN B 363 31.76 3.14 1.48
N ILE B 364 31.77 2.25 0.48
CA ILE B 364 30.63 1.48 0.04
C ILE B 364 31.01 0.00 0.23
N ARG B 365 30.08 -0.83 0.69
CA ARG B 365 30.38 -2.26 0.90
C ARG B 365 30.05 -3.09 -0.31
N LYS B 366 30.74 -4.20 -0.43
CA LYS B 366 30.35 -5.21 -1.38
C LYS B 366 28.83 -5.47 -1.27
N ASP B 367 28.17 -5.53 -2.41
CA ASP B 367 26.73 -5.88 -2.52
C ASP B 367 25.76 -4.77 -2.11
N ASP B 368 26.30 -3.61 -1.74
CA ASP B 368 25.52 -2.41 -1.64
C ASP B 368 25.11 -1.98 -3.02
N ILE B 369 24.00 -1.25 -3.08
CA ILE B 369 23.51 -0.68 -4.31
C ILE B 369 23.87 0.78 -4.28
N ILE B 370 24.21 1.31 -5.46
CA ILE B 370 24.44 2.73 -5.68
C ILE B 370 23.35 3.17 -6.62
N ALA B 371 22.54 4.15 -6.18
CA ALA B 371 21.32 4.51 -6.86
C ALA B 371 21.27 5.98 -7.18
N LEU B 372 20.72 6.28 -8.34
CA LEU B 372 20.30 7.63 -8.66
C LEU B 372 18.78 7.62 -8.76
N TYR B 373 18.17 8.74 -8.39
CA TYR B 373 16.74 8.92 -8.62
C TYR B 373 16.63 10.22 -9.42
N PRO B 374 16.80 10.14 -10.75
CA PRO B 374 16.86 11.32 -11.59
C PRO B 374 15.65 12.23 -11.58
N GLN B 375 14.51 11.78 -11.09
CA GLN B 375 13.38 12.68 -10.95
C GLN B 375 13.78 13.93 -10.12
N LEU B 376 14.67 13.72 -9.15
CA LEU B 376 15.21 14.80 -8.33
C LEU B 376 15.91 15.91 -9.16
N MET B 377 16.68 15.51 -10.16
CA MET B 377 17.33 16.47 -11.07
C MET B 377 16.36 17.06 -12.09
N HIS B 378 15.48 16.23 -12.67
CA HIS B 378 14.49 16.71 -13.64
C HIS B 378 13.58 17.79 -13.07
N LEU B 379 13.30 17.71 -11.79
CA LEU B 379 12.41 18.65 -11.15
C LEU B 379 13.17 19.75 -10.37
N ASP B 380 14.50 19.86 -10.57
CA ASP B 380 15.35 20.79 -9.82
C ASP B 380 15.18 22.20 -10.40
N PRO B 381 14.75 23.16 -9.57
CA PRO B 381 14.57 24.52 -10.10
C PRO B 381 15.91 25.22 -10.46
N GLU B 382 17.05 24.72 -9.97
CA GLU B 382 18.36 25.25 -10.35
C GLU B 382 18.68 24.96 -11.80
N ILE B 383 18.21 23.80 -12.31
CA ILE B 383 18.47 23.33 -13.69
C ILE B 383 17.35 23.72 -14.66
N TYR B 384 16.12 23.66 -14.14
CA TYR B 384 14.91 23.83 -14.92
C TYR B 384 13.99 24.86 -14.23
N PRO B 385 14.20 26.18 -14.47
CA PRO B 385 13.30 27.22 -13.91
C PRO B 385 11.81 26.89 -14.10
N ASP B 386 11.05 26.99 -13.01
CA ASP B 386 9.60 26.65 -13.01
C ASP B 386 9.41 25.16 -13.37
N PRO B 387 10.02 24.27 -12.57
CA PRO B 387 10.16 22.84 -12.86
C PRO B 387 8.84 22.09 -12.96
N LEU B 388 7.78 22.60 -12.33
CA LEU B 388 6.48 21.91 -12.35
C LEU B 388 5.58 22.39 -13.43
N THR B 389 6.06 23.35 -14.24
CA THR B 389 5.30 23.84 -15.38
C THR B 389 5.81 23.12 -16.62
N PHE B 390 4.86 22.70 -17.45
CA PHE B 390 5.18 22.10 -18.73
C PHE B 390 5.42 23.24 -19.68
N LYS B 391 6.68 23.40 -20.09
CA LYS B 391 7.05 24.36 -21.15
C LYS B 391 7.41 23.56 -22.43
N TYR B 392 6.50 23.57 -23.41
CA TYR B 392 6.57 22.74 -24.62
C TYR B 392 7.83 22.98 -25.44
N ASP B 393 8.38 24.18 -25.32
CA ASP B 393 9.62 24.56 -25.95
C ASP B 393 10.83 24.47 -25.03
N ARG B 394 10.75 23.71 -23.94
CA ARG B 394 11.86 23.69 -22.99
C ARG B 394 13.12 23.05 -23.57
N TYR B 395 12.96 22.15 -24.53
CA TYR B 395 14.12 21.54 -25.19
C TYR B 395 14.30 22.04 -26.61
N LEU B 396 13.83 23.25 -26.85
CA LEU B 396 14.09 23.97 -28.09
C LEU B 396 15.05 25.13 -27.79
N ASP B 397 15.91 25.45 -28.75
CA ASP B 397 16.82 26.61 -28.60
C ASP B 397 16.30 27.80 -29.39
N GLU B 398 17.06 28.89 -29.43
CA GLU B 398 16.69 30.10 -30.23
C GLU B 398 16.34 29.71 -31.68
N ASN B 399 17.13 28.79 -32.24
CA ASN B 399 16.94 28.35 -33.63
C ASN B 399 15.79 27.36 -33.88
N GLY B 400 15.12 26.90 -32.82
CA GLY B 400 14.02 25.95 -32.98
C GLY B 400 14.52 24.53 -33.17
N LYS B 401 15.77 24.29 -32.76
CA LYS B 401 16.36 22.98 -32.82
C LYS B 401 16.63 22.51 -31.39
N THR B 402 16.95 21.23 -31.26
CA THR B 402 16.98 20.59 -29.94
C THR B 402 18.03 21.23 -29.07
N LYS B 403 17.62 21.61 -27.86
CA LYS B 403 18.48 22.27 -26.91
C LYS B 403 19.13 21.25 -26.03
N THR B 404 20.43 21.37 -25.91
CA THR B 404 21.26 20.45 -25.16
C THR B 404 22.16 21.13 -24.11
N THR B 405 21.85 22.36 -23.71
CA THR B 405 22.69 23.07 -22.75
C THR B 405 21.88 23.39 -21.52
N PHE B 406 22.22 22.72 -20.42
CA PHE B 406 21.54 22.88 -19.17
C PHE B 406 22.63 22.91 -18.13
N TYR B 407 22.42 23.73 -17.06
CA TYR B 407 23.47 24.03 -16.08
C TYR B 407 23.00 23.80 -14.66
N CYS B 408 23.96 23.49 -13.80
CA CYS B 408 23.75 23.39 -12.38
C CYS B 408 24.92 24.07 -11.66
N ASN B 409 24.62 25.13 -10.91
CA ASN B 409 25.67 25.94 -10.25
C ASN B 409 26.64 26.48 -11.32
N GLY B 410 26.06 26.97 -12.41
CA GLY B 410 26.82 27.44 -13.56
C GLY B 410 27.64 26.42 -14.34
N LEU B 411 27.62 25.14 -13.95
CA LEU B 411 28.38 24.08 -14.66
C LEU B 411 27.46 23.38 -15.66
N LYS B 412 27.95 23.22 -16.88
CA LYS B 412 27.17 22.59 -17.95
C LYS B 412 27.06 21.10 -17.63
N LEU B 413 25.83 20.58 -17.67
CA LEU B 413 25.60 19.14 -17.37
C LEU B 413 25.76 18.24 -18.61
N LYS B 414 26.46 17.12 -18.42
CA LYS B 414 26.46 16.00 -19.38
C LYS B 414 25.12 15.25 -19.26
N TYR B 415 24.65 15.06 -18.03
CA TYR B 415 23.39 14.34 -17.75
C TYR B 415 22.33 15.26 -17.21
N TYR B 416 21.35 15.60 -18.03
CA TYR B 416 20.30 16.51 -17.59
C TYR B 416 18.88 15.99 -17.95
N TYR B 417 18.82 15.01 -18.84
CA TYR B 417 17.60 14.38 -19.28
C TYR B 417 17.86 12.89 -19.34
N MET B 418 17.33 12.17 -18.35
CA MET B 418 17.64 10.76 -18.16
C MET B 418 16.47 9.75 -18.04
N PRO B 419 15.31 10.00 -18.69
CA PRO B 419 14.20 9.06 -18.50
C PRO B 419 14.41 7.67 -19.11
N PHE B 420 15.38 7.54 -20.02
CA PHE B 420 15.77 6.26 -20.61
C PHE B 420 17.00 5.71 -19.93
N GLY B 421 17.47 6.38 -18.89
CA GLY B 421 18.68 5.95 -18.21
C GLY B 421 19.90 6.53 -18.93
N SER B 422 21.07 5.95 -18.64
CA SER B 422 22.33 6.33 -19.30
C SER B 422 23.43 5.29 -19.10
N GLY B 423 24.49 5.41 -19.91
CA GLY B 423 25.61 4.52 -19.84
C GLY B 423 25.25 3.19 -20.42
N ALA B 424 25.64 2.13 -19.72
CA ALA B 424 25.32 0.76 -20.13
C ALA B 424 23.94 0.38 -19.63
N THR B 425 23.52 1.04 -18.55
CA THR B 425 22.16 0.92 -18.03
C THR B 425 21.32 1.98 -18.75
N ILE B 426 21.08 1.73 -20.05
CA ILE B 426 20.25 2.62 -20.89
C ILE B 426 19.29 1.81 -21.75
N CYS B 427 18.05 2.27 -21.86
CA CYS B 427 17.03 1.59 -22.62
C CYS B 427 17.51 1.28 -24.02
N PRO B 428 17.57 -0.02 -24.42
CA PRO B 428 17.98 -0.28 -25.85
C PRO B 428 16.89 0.15 -26.85
N GLY B 429 15.64 0.26 -26.37
CA GLY B 429 14.50 0.64 -27.23
C GLY B 429 14.18 2.10 -27.36
N ARG B 430 15.05 2.98 -26.84
CA ARG B 430 14.71 4.42 -26.76
C ARG B 430 14.41 5.09 -28.07
N LEU B 431 15.16 4.77 -29.11
CA LEU B 431 14.92 5.37 -30.44
C LEU B 431 13.59 4.94 -31.02
N PHE B 432 13.32 3.63 -30.98
CA PHE B 432 12.00 3.09 -31.38
C PHE B 432 10.85 3.76 -30.55
N ALA B 433 11.06 3.88 -29.23
CA ALA B 433 10.05 4.49 -28.30
C ALA B 433 9.67 5.88 -28.73
N ILE B 434 10.68 6.72 -29.01
CA ILE B 434 10.41 8.09 -29.53
C ILE B 434 9.70 8.06 -30.85
N HIS B 435 10.13 7.16 -31.75
CA HIS B 435 9.42 7.04 -33.05
C HIS B 435 7.98 6.68 -32.86
N GLU B 436 7.70 5.71 -32.01
CA GLU B 436 6.31 5.25 -31.87
C GLU B 436 5.40 6.34 -31.31
N ILE B 437 5.92 7.11 -30.36
CA ILE B 437 5.17 8.21 -29.73
C ILE B 437 4.99 9.34 -30.77
N LYS B 438 6.06 9.68 -31.49
CA LYS B 438 5.94 10.64 -32.62
C LYS B 438 4.94 10.20 -33.64
N GLN B 439 4.99 8.95 -34.04
CA GLN B 439 4.03 8.42 -35.01
C GLN B 439 2.60 8.54 -34.51
N PHE B 440 2.38 8.15 -33.25
CA PHE B 440 1.05 8.27 -32.64
C PHE B 440 0.56 9.71 -32.64
N LEU B 441 1.41 10.66 -32.17
CA LEU B 441 1.06 12.08 -32.13
C LEU B 441 0.80 12.67 -33.56
N ILE B 442 1.63 12.29 -34.53
CA ILE B 442 1.41 12.67 -35.94
C ILE B 442 0.03 12.24 -36.45
N LEU B 443 -0.33 10.99 -36.17
CA LEU B 443 -1.60 10.47 -36.61
C LEU B 443 -2.80 11.10 -35.88
N MET B 444 -2.67 11.34 -34.58
CA MET B 444 -3.76 11.99 -33.81
C MET B 444 -4.04 13.40 -34.33
N LEU B 445 -2.98 14.17 -34.57
CA LEU B 445 -3.11 15.52 -35.12
C LEU B 445 -3.71 15.48 -36.52
N SER B 446 -3.30 14.49 -37.32
CA SER B 446 -3.73 14.36 -38.72
C SER B 446 -5.18 13.87 -38.87
N TYR B 447 -5.59 12.96 -38.01
CA TYR B 447 -6.86 12.24 -38.17
C TYR B 447 -8.02 12.90 -37.46
N PHE B 448 -7.72 13.68 -36.42
CA PHE B 448 -8.69 13.98 -35.41
C PHE B 448 -8.81 15.44 -35.03
N GLU B 449 -10.04 15.85 -34.79
CA GLU B 449 -10.30 17.04 -33.97
C GLU B 449 -10.19 16.52 -32.54
N LEU B 450 -9.59 17.30 -31.65
CA LEU B 450 -9.33 16.86 -30.28
C LEU B 450 -9.65 17.94 -29.28
N GLU B 451 -10.28 17.57 -28.18
CA GLU B 451 -10.36 18.48 -27.02
C GLU B 451 -10.66 17.78 -25.68
N LEU B 452 -10.26 18.45 -24.61
CA LEU B 452 -10.52 18.00 -23.24
C LEU B 452 -11.93 18.41 -22.82
N ILE B 453 -12.57 17.59 -21.99
CA ILE B 453 -13.90 17.89 -21.45
C ILE B 453 -13.81 19.04 -20.43
N GLU B 454 -12.79 19.00 -19.58
CA GLU B 454 -12.42 20.13 -18.74
C GLU B 454 -11.02 20.65 -19.10
N GLY B 455 -10.98 21.57 -20.05
CA GLY B 455 -9.72 22.17 -20.54
C GLY B 455 -8.97 22.98 -19.49
N GLN B 456 -9.74 23.54 -18.55
CA GLN B 456 -9.18 24.33 -17.44
C GLN B 456 -9.02 23.47 -16.16
N ALA B 457 -9.46 22.20 -16.21
CA ALA B 457 -9.27 21.25 -15.08
C ALA B 457 -7.81 21.03 -14.76
N LYS B 458 -7.57 20.57 -13.54
CA LYS B 458 -6.23 20.43 -13.03
C LYS B 458 -5.54 19.22 -13.70
N CYS B 459 -4.21 19.28 -13.75
CA CYS B 459 -3.39 18.15 -14.19
CA CYS B 459 -3.40 18.16 -14.20
C CYS B 459 -3.49 17.06 -13.14
N PRO B 460 -3.64 15.78 -13.58
CA PRO B 460 -3.72 14.79 -12.52
C PRO B 460 -2.36 14.59 -11.86
N PRO B 461 -2.33 14.20 -10.58
CA PRO B 461 -1.03 13.92 -9.96
C PRO B 461 -0.43 12.62 -10.48
N LEU B 462 0.89 12.46 -10.33
CA LEU B 462 1.55 11.24 -10.69
C LEU B 462 1.18 10.19 -9.68
N ASP B 463 1.08 8.94 -10.13
CA ASP B 463 0.82 7.84 -9.24
C ASP B 463 2.15 7.23 -8.80
N GLN B 464 2.55 7.55 -7.55
CA GLN B 464 3.85 7.16 -7.03
C GLN B 464 3.91 5.76 -6.45
N SER B 465 2.85 4.97 -6.60
CA SER B 465 2.92 3.54 -6.20
C SER B 465 3.92 2.79 -7.07
N ARG B 466 4.15 3.31 -8.30
CA ARG B 466 5.13 2.74 -9.25
C ARG B 466 6.54 3.42 -9.21
N ALA B 467 6.82 4.21 -8.19
CA ALA B 467 8.08 4.94 -8.07
C ALA B 467 9.23 3.96 -8.18
N GLY B 468 10.19 4.31 -9.00
CA GLY B 468 11.35 3.42 -9.25
C GLY B 468 11.27 2.76 -10.61
N LEU B 469 10.06 2.67 -11.18
CA LEU B 469 9.81 1.76 -12.34
C LEU B 469 9.82 2.38 -13.72
N GLY B 470 9.81 3.69 -13.82
CA GLY B 470 9.87 4.35 -15.13
C GLY B 470 8.88 5.49 -15.17
N ILE B 471 8.10 5.57 -16.23
CA ILE B 471 7.17 6.67 -16.40
C ILE B 471 5.94 6.45 -15.56
N LEU B 472 5.60 7.43 -14.72
CA LEU B 472 4.50 7.27 -13.79
C LEU B 472 3.19 7.67 -14.47
N PRO B 473 2.12 6.84 -14.32
CA PRO B 473 0.82 7.19 -14.91
C PRO B 473 0.11 8.22 -14.08
N PRO B 474 -0.97 8.80 -14.63
CA PRO B 474 -1.77 9.68 -13.80
C PRO B 474 -2.52 8.89 -12.76
N LEU B 475 -2.69 9.45 -11.57
CA LEU B 475 -3.46 8.84 -10.50
C LEU B 475 -4.92 8.63 -10.88
N ASN B 476 -5.46 9.54 -11.66
CA ASN B 476 -6.77 9.37 -12.25
C ASN B 476 -6.72 9.65 -13.77
N ASP B 477 -7.57 8.96 -14.52
CA ASP B 477 -7.76 9.29 -15.95
C ASP B 477 -8.44 10.65 -16.14
N ILE B 478 -8.31 11.21 -17.33
CA ILE B 478 -9.06 12.40 -17.72
C ILE B 478 -9.76 12.15 -19.05
N GLU B 479 -10.98 12.65 -19.17
CA GLU B 479 -11.76 12.44 -20.37
C GLU B 479 -11.39 13.45 -21.42
N PHE B 480 -11.36 12.97 -22.66
CA PHE B 480 -11.26 13.85 -23.83
C PHE B 480 -12.26 13.40 -24.91
N LYS B 481 -12.55 14.31 -25.85
CA LYS B 481 -13.47 14.08 -26.99
C LYS B 481 -12.63 14.05 -28.26
N TYR B 482 -12.91 13.12 -29.17
CA TYR B 482 -12.28 13.12 -30.49
C TYR B 482 -13.26 12.91 -31.64
N LYS B 483 -12.89 13.38 -32.82
CA LYS B 483 -13.76 13.35 -34.00
C LYS B 483 -12.91 13.31 -35.24
N PHE B 484 -13.21 12.38 -36.16
CA PHE B 484 -12.58 12.36 -37.47
C PHE B 484 -12.88 13.66 -38.22
N LYS B 485 -11.86 14.22 -38.84
CA LYS B 485 -11.99 15.48 -39.59
C LYS B 485 -12.80 15.30 -40.90
CHA HEM C . -4.41 -5.12 24.19
CHB HEM C . -8.59 -5.80 21.78
CHC HEM C . -10.43 -1.85 23.78
CHD HEM C . -6.61 -1.60 26.65
C1A HEM C . -5.39 -5.60 23.34
C2A HEM C . -5.22 -6.71 22.42
C3A HEM C . -6.35 -6.89 21.77
C4A HEM C . -7.29 -5.91 22.21
CMA HEM C . -6.55 -7.98 20.71
CAA HEM C . -3.93 -7.53 22.21
CBA HEM C . -3.86 -8.72 23.14
CGA HEM C . -2.71 -9.58 22.62
O1A HEM C . -1.54 -9.10 22.70
O2A HEM C . -2.94 -10.73 22.11
C1B HEM C . -9.45 -4.79 22.09
C2B HEM C . -10.76 -4.59 21.54
C3B HEM C . -11.27 -3.49 22.10
C4B HEM C . -10.29 -2.96 23.00
CMB HEM C . -11.42 -5.50 20.48
CAB HEM C . -12.62 -2.80 21.88
CBB HEM C . -13.58 -3.41 21.23
C1C HEM C . -9.61 -1.50 24.79
C2C HEM C . -9.90 -0.53 25.81
C3C HEM C . -8.84 -0.45 26.61
C4C HEM C . -7.83 -1.37 26.12
CMC HEM C . -11.19 0.29 25.95
CAC HEM C . -8.83 0.50 27.83
CBC HEM C . -7.76 1.20 28.13
C1D HEM C . -5.61 -2.41 26.19
C2D HEM C . -4.23 -2.39 26.61
C3D HEM C . -3.50 -3.49 25.87
C4D HEM C . -4.55 -4.11 25.05
CMD HEM C . -3.63 -1.41 27.66
CAD HEM C . -1.99 -3.86 25.98
CBD HEM C . -1.77 -5.19 26.73
CGD HEM C . -0.31 -5.43 27.15
O1D HEM C . 0.02 -5.32 28.38
O2D HEM C . 0.54 -5.74 26.25
NA HEM C . -6.68 -5.14 23.17
NB HEM C . -9.21 -3.78 22.96
NC HEM C . -8.37 -2.02 25.01
ND HEM C . -5.75 -3.44 25.26
FE HEM C . -7.54 -3.71 24.21
UNK UNX D . -6.45 -2.25 22.11
CHA HEM E . 15.13 -0.87 -20.15
CHB HEM E . 12.92 3.42 -20.22
CHC HEM E . 10.31 2.05 -24.03
CHD HEM E . 12.91 -1.93 -24.38
C1A HEM E . 14.75 0.41 -19.82
C2A HEM E . 15.20 1.18 -18.68
C3A HEM E . 14.60 2.35 -18.70
C4A HEM E . 13.72 2.37 -19.84
CMA HEM E . 14.79 3.47 -17.66
CAA HEM E . 16.22 0.75 -17.61
CBA HEM E . 17.52 1.48 -17.86
CGA HEM E . 18.59 1.04 -16.85
O1A HEM E . 19.02 -0.15 -16.97
O2A HEM E . 19.00 1.85 -15.96
C1B HEM E . 12.02 3.41 -21.25
C2B HEM E . 11.12 4.49 -21.60
C3B HEM E . 10.41 4.10 -22.66
C4B HEM E . 10.82 2.79 -22.99
CMB HEM E . 11.05 5.83 -20.83
CAB HEM E . 9.29 4.83 -23.44
CBB HEM E . 9.08 6.11 -23.32
C1C HEM E . 10.83 0.90 -24.52
C2C HEM E . 10.46 0.28 -25.76
C3C HEM E . 11.19 -0.83 -25.87
C4C HEM E . 12.02 -0.95 -24.69
CMC HEM E . 9.39 0.80 -26.76
CAC HEM E . 11.06 -1.80 -27.06
CBC HEM E . 11.62 -3.01 -27.01
C1D HEM E . 13.63 -2.05 -23.23
C2D HEM E . 14.31 -3.27 -22.84
C3D HEM E . 15.03 -2.96 -21.53
C4D HEM E . 14.68 -1.57 -21.24
CMD HEM E . 14.32 -4.61 -23.64
CAD HEM E . 15.88 -3.92 -20.68
CBD HEM E . 17.34 -3.48 -20.78
CGD HEM E . 18.33 -4.62 -20.55
O1D HEM E . 19.20 -4.90 -21.45
O2D HEM E . 18.25 -5.24 -19.45
NA HEM E . 13.85 1.14 -20.52
NB HEM E . 11.80 2.40 -22.15
NC HEM E . 11.79 0.17 -23.91
ND HEM E . 13.87 -1.07 -22.26
FE HEM E . 12.93 0.77 -22.29
UNK UNX F . 11.07 -0.21 -20.47
#